data_4IHE
#
_entry.id   4IHE
#
_cell.length_a   140.754
_cell.length_b   67.959
_cell.length_c   73.507
_cell.angle_alpha   90.00
_cell.angle_beta   90.00
_cell.angle_gamma   90.00
#
_symmetry.space_group_name_H-M   'P 21 21 2'
#
loop_
_entity.id
_entity.type
_entity.pdbx_description
1 polymer 'ThnT protein'
2 water water
#
_entity_poly.entity_id   1
_entity_poly.type   'polypeptide(L)'
_entity_poly.pdbx_seq_one_letter_code
;MGSSHHHHHHSSGLVPRGSHMDPEAGSRARGLKGVHRVSANSGGIGGVPGPHNGLTDVPGVRVGHAGRTGDGWLTGVTVV
LAPPGGAVAAVDVRGGGPGTRETDALDPRNLVQTIDAVVLTGGSAFGLDAAGGVAAWLEEQGRGFPVGADPSQVVPVVPA
AALFDLGRGGTWRARPDAALGRAAVEAAAARPEGDPVEQGGVGAGTGAVVGGLKGGIGTASVVLDSGATVAALAAVNAAG
SAVDPATGVLYGARTGLPGEFAGYGVPDAIGADTHARARARLAEAAEETARRRAGGAATLNATLAVVATDATLTRAQAQK
LAGTAHDGLARAVRPVHLLSDGDTVFALSTGRRPLLPDRPDATAARAFGVHLEAGALNEVLAAGADVLTRAVVHAVLAAT
GVDTPGGVHPSYRELYARP
;
_entity_poly.pdbx_strand_id   A,B
#
# COMPACT_ATOMS: atom_id res chain seq x y z
N GLY A 46 -17.66 -13.38 14.35
CA GLY A 46 -16.74 -12.85 13.30
C GLY A 46 -17.30 -11.63 12.59
N GLY A 47 -16.42 -10.69 12.24
CA GLY A 47 -16.79 -9.54 11.42
C GLY A 47 -17.41 -8.39 12.18
N VAL A 48 -17.23 -8.38 13.50
CA VAL A 48 -17.68 -7.28 14.35
C VAL A 48 -16.52 -6.82 15.20
N PRO A 49 -16.60 -5.58 15.74
CA PRO A 49 -15.50 -5.11 16.59
C PRO A 49 -15.42 -5.90 17.89
N GLY A 50 -14.25 -5.86 18.51
CA GLY A 50 -14.09 -6.32 19.88
C GLY A 50 -14.82 -5.39 20.84
N PRO A 51 -14.71 -5.67 22.14
CA PRO A 51 -15.56 -5.00 23.13
C PRO A 51 -15.55 -3.48 23.11
N HIS A 52 -14.38 -2.86 22.92
CA HIS A 52 -14.29 -1.40 22.89
C HIS A 52 -13.87 -0.86 21.54
N ASN A 53 -13.80 -1.73 20.53
CA ASN A 53 -13.38 -1.34 19.19
C ASN A 53 -12.02 -0.63 19.18
N GLY A 54 -11.03 -1.26 19.77
CA GLY A 54 -9.70 -0.68 19.84
C GLY A 54 -8.61 -1.69 20.15
N LEU A 55 -7.40 -1.17 20.27
CA LEU A 55 -6.20 -2.01 20.33
C LEU A 55 -6.18 -2.91 21.56
N THR A 56 -6.77 -2.43 22.65
CA THR A 56 -6.77 -3.19 23.90
C THR A 56 -7.78 -4.35 23.91
N ASP A 57 -8.56 -4.48 22.83
CA ASP A 57 -9.38 -5.67 22.62
C ASP A 57 -8.53 -6.92 22.36
N VAL A 58 -7.26 -6.71 21.99
CA VAL A 58 -6.28 -7.79 22.02
C VAL A 58 -5.84 -8.00 23.47
N PRO A 59 -6.23 -9.13 24.08
CA PRO A 59 -6.04 -9.22 25.54
C PRO A 59 -4.60 -9.05 26.01
N GLY A 60 -4.41 -8.25 27.05
CA GLY A 60 -3.08 -8.05 27.63
C GLY A 60 -2.36 -6.82 27.11
N VAL A 61 -2.81 -6.29 25.96
CA VAL A 61 -2.24 -5.07 25.42
C VAL A 61 -2.75 -3.86 26.22
N ARG A 62 -1.82 -2.95 26.52
CA ARG A 62 -2.15 -1.70 27.20
C ARG A 62 -1.63 -0.52 26.38
N VAL A 63 -2.33 0.60 26.49
CA VAL A 63 -1.95 1.81 25.80
C VAL A 63 -1.87 2.94 26.80
N GLY A 64 -0.81 3.74 26.73
CA GLY A 64 -0.65 4.91 27.58
C GLY A 64 -0.30 6.13 26.76
N HIS A 65 -0.92 7.25 27.10
CA HIS A 65 -0.59 8.55 26.52
C HIS A 65 -0.02 9.48 27.57
N ALA A 66 0.91 10.33 27.16
CA ALA A 66 1.31 11.48 27.95
C ALA A 66 1.52 12.64 27.02
N GLY A 67 0.97 13.79 27.36
CA GLY A 67 1.01 14.94 26.48
C GLY A 67 1.26 16.23 27.23
N ARG A 68 1.59 17.27 26.48
CA ARG A 68 1.75 18.61 27.01
C ARG A 68 1.04 19.57 26.07
N THR A 69 0.06 20.29 26.62
CA THR A 69 -0.70 21.28 25.86
CA THR A 69 -0.68 21.28 25.86
C THR A 69 -0.69 22.60 26.62
N GLY A 70 -0.54 23.70 25.87
CA GLY A 70 -0.56 25.03 26.46
C GLY A 70 0.83 25.54 26.77
N ASP A 71 0.90 26.84 27.04
CA ASP A 71 2.17 27.47 27.37
CA ASP A 71 2.17 27.54 27.32
C ASP A 71 3.24 27.19 26.31
N GLY A 72 2.83 27.12 25.04
CA GLY A 72 3.74 26.92 23.91
C GLY A 72 3.81 25.50 23.38
N TRP A 73 3.15 24.57 24.06
CA TRP A 73 3.29 23.14 23.80
C TRP A 73 2.05 22.56 23.13
N LEU A 74 2.27 21.59 22.24
CA LEU A 74 1.17 20.78 21.70
C LEU A 74 1.75 19.47 21.14
N THR A 75 2.12 18.58 22.05
CA THR A 75 2.81 17.36 21.65
C THR A 75 2.63 16.28 22.69
N GLY A 76 3.06 15.08 22.35
CA GLY A 76 3.02 14.00 23.32
C GLY A 76 3.56 12.70 22.80
N VAL A 77 3.34 11.67 23.60
CA VAL A 77 3.90 10.34 23.37
C VAL A 77 2.81 9.32 23.62
N THR A 78 2.78 8.28 22.80
CA THR A 78 1.89 7.15 23.01
C THR A 78 2.75 5.90 23.07
N VAL A 79 2.55 5.09 24.11
CA VAL A 79 3.27 3.83 24.26
C VAL A 79 2.28 2.68 24.21
N VAL A 80 2.58 1.68 23.38
CA VAL A 80 1.89 0.40 23.41
C VAL A 80 2.73 -0.57 24.20
N LEU A 81 2.12 -1.12 25.26
CA LEU A 81 2.81 -2.01 26.18
C LEU A 81 2.23 -3.42 26.07
N ALA A 82 3.08 -4.36 25.69
CA ALA A 82 2.70 -5.77 25.62
C ALA A 82 2.52 -6.32 27.03
N PRO A 83 1.79 -7.43 27.14
CA PRO A 83 1.67 -8.05 28.46
C PRO A 83 2.99 -8.64 28.91
N PRO A 84 3.10 -8.93 30.20
CA PRO A 84 4.31 -9.53 30.74
C PRO A 84 4.71 -10.76 29.93
N GLY A 85 6.00 -10.85 29.62
CA GLY A 85 6.50 -11.89 28.71
C GLY A 85 6.79 -11.34 27.32
N GLY A 86 6.18 -10.19 27.02
CA GLY A 86 6.41 -9.53 25.75
C GLY A 86 5.54 -10.05 24.64
N ALA A 87 5.80 -9.54 23.45
CA ALA A 87 5.07 -9.93 22.24
C ALA A 87 6.06 -10.04 21.09
N VAL A 88 5.80 -10.97 20.18
CA VAL A 88 6.49 -11.02 18.91
C VAL A 88 6.21 -9.73 18.17
N ALA A 89 7.25 -9.13 17.61
CA ALA A 89 7.13 -7.80 17.00
C ALA A 89 7.85 -7.76 15.67
N ALA A 90 7.37 -6.89 14.80
CA ALA A 90 7.99 -6.63 13.52
C ALA A 90 7.65 -5.23 13.08
N VAL A 91 8.25 -4.76 11.99
CA VAL A 91 8.05 -3.39 11.56
C VAL A 91 8.14 -3.30 10.05
N ASP A 92 7.39 -2.36 9.49
CA ASP A 92 7.53 -1.98 8.09
C ASP A 92 7.55 -0.46 8.02
N VAL A 93 8.74 0.08 7.74
CA VAL A 93 8.93 1.51 7.65
C VAL A 93 8.90 1.88 6.18
N ARG A 94 7.87 2.63 5.81
N ARG A 94 7.92 2.67 5.79
CA ARG A 94 7.40 2.75 4.40
CA ARG A 94 7.90 3.24 4.45
C ARG A 94 7.38 4.19 3.92
C ARG A 94 8.20 4.75 4.56
N GLY A 95 7.24 5.12 4.85
N GLY A 95 9.47 5.13 4.48
CA GLY A 95 7.39 6.52 4.55
CA GLY A 95 9.88 6.55 4.54
C GLY A 95 8.79 6.87 4.10
C GLY A 95 11.09 6.90 5.41
N GLY A 96 8.90 7.92 3.29
N GLY A 96 11.44 6.03 6.33
CA GLY A 96 10.17 8.36 2.74
CA GLY A 96 12.60 6.27 7.20
C GLY A 96 10.96 9.26 3.66
C GLY A 96 12.61 7.50 8.08
N GLY A 97 10.34 9.68 4.76
N GLY A 97 11.47 8.04 8.49
CA GLY A 97 11.03 10.56 5.71
CA GLY A 97 11.54 9.11 9.47
C GLY A 97 10.87 10.08 7.14
C GLY A 97 11.19 10.52 9.00
N PRO A 98 11.36 8.88 7.43
N PRO A 98 12.27 11.42 9.18
CA PRO A 98 11.17 8.31 8.76
CA PRO A 98 13.07 11.34 10.43
C PRO A 98 12.08 8.90 9.82
C PRO A 98 12.44 10.93 11.75
N GLY A 99 11.65 8.76 11.07
N GLY A 99 13.06 9.93 12.33
CA GLY A 99 12.50 9.05 12.24
CA GLY A 99 12.75 9.52 13.67
C GLY A 99 12.27 7.97 13.27
C GLY A 99 12.27 8.08 13.66
N THR A 100 13.28 7.13 13.47
N THR A 100 13.20 7.15 13.51
CA THR A 100 13.05 5.81 14.03
CA THR A 100 12.98 5.81 14.03
C THR A 100 14.21 5.33 14.87
C THR A 100 14.16 5.34 14.87
N ARG A 101 13.90 4.34 15.71
CA ARG A 101 14.86 3.76 16.63
C ARG A 101 14.61 2.26 16.75
N GLU A 102 15.70 1.49 16.76
CA GLU A 102 15.69 0.04 17.03
C GLU A 102 14.84 -0.76 16.06
N THR A 103 14.81 -0.31 14.81
CA THR A 103 14.08 -1.04 13.79
C THR A 103 14.86 -2.25 13.31
N ASP A 104 16.18 -2.16 13.25
CA ASP A 104 17.02 -3.29 12.78
C ASP A 104 16.84 -4.50 13.71
N ALA A 105 16.66 -4.24 14.99
CA ALA A 105 16.52 -5.31 15.97
C ALA A 105 15.27 -6.17 15.71
N LEU A 106 14.31 -5.63 14.97
CA LEU A 106 13.06 -6.31 14.65
C LEU A 106 13.13 -7.16 13.38
N ASP A 107 14.28 -7.18 12.72
CA ASP A 107 14.46 -8.05 11.55
C ASP A 107 14.28 -9.52 11.97
N PRO A 108 13.57 -10.31 11.15
CA PRO A 108 13.34 -11.72 11.50
C PRO A 108 14.60 -12.54 11.72
N ARG A 109 15.73 -12.12 11.17
CA ARG A 109 16.99 -12.86 11.30
C ARG A 109 17.62 -12.70 12.68
N ASN A 110 17.17 -11.73 13.45
CA ASN A 110 17.96 -11.25 14.57
C ASN A 110 17.62 -11.88 15.92
N LEU A 111 18.41 -11.52 16.92
CA LEU A 111 18.46 -12.25 18.19
C LEU A 111 17.18 -12.15 19.02
N VAL A 112 16.66 -10.95 19.21
N VAL A 112 16.68 -10.93 19.17
CA VAL A 112 15.66 -10.75 20.25
CA VAL A 112 15.60 -10.63 20.09
C VAL A 112 14.27 -11.16 19.77
C VAL A 112 14.28 -10.53 19.32
N GLN A 113 13.62 -12.03 20.53
N GLN A 113 13.47 -11.57 19.42
CA GLN A 113 12.48 -12.81 20.01
CA GLN A 113 12.23 -11.67 18.66
C GLN A 113 11.15 -12.16 20.32
C GLN A 113 11.04 -11.02 19.37
N THR A 114 11.15 -11.28 21.32
N THR A 114 11.03 -11.04 20.70
CA THR A 114 9.95 -10.54 21.72
CA THR A 114 9.93 -10.45 21.49
C THR A 114 10.37 -9.20 22.31
C THR A 114 10.37 -9.20 22.21
N ILE A 115 9.46 -8.23 22.31
CA ILE A 115 9.70 -6.96 22.98
C ILE A 115 8.52 -6.62 23.87
N ASP A 116 8.66 -5.57 24.66
CA ASP A 116 7.60 -5.18 25.61
C ASP A 116 6.89 -3.88 25.27
N ALA A 117 7.59 -2.95 24.62
CA ALA A 117 6.98 -1.65 24.35
C ALA A 117 7.37 -1.08 23.01
N VAL A 118 6.42 -0.41 22.37
CA VAL A 118 6.65 0.38 21.18
C VAL A 118 6.27 1.82 21.49
N VAL A 119 7.07 2.76 21.00
CA VAL A 119 6.90 4.17 21.31
C VAL A 119 6.58 4.95 20.04
N LEU A 120 5.45 5.65 20.06
CA LEU A 120 5.10 6.62 19.02
C LEU A 120 5.20 8.00 19.62
N THR A 121 5.86 8.93 18.93
CA THR A 121 6.12 10.22 19.55
C THR A 121 6.05 11.39 18.59
N GLY A 122 5.59 12.54 19.09
CA GLY A 122 5.84 13.81 18.43
C GLY A 122 7.28 14.25 18.59
N GLY A 123 7.57 15.45 18.10
CA GLY A 123 8.90 16.05 18.25
C GLY A 123 9.88 15.71 17.15
N SER A 124 9.40 15.10 16.08
CA SER A 124 10.29 14.63 15.02
C SER A 124 11.47 13.86 15.64
N ALA A 125 12.66 13.97 15.05
CA ALA A 125 13.79 13.17 15.51
C ALA A 125 14.15 13.45 16.98
N PHE A 126 13.96 14.69 17.42
CA PHE A 126 14.19 15.05 18.81
C PHE A 126 13.37 14.19 19.76
N GLY A 127 12.14 13.90 19.35
CA GLY A 127 11.20 13.16 20.18
C GLY A 127 11.62 11.72 20.45
N LEU A 128 12.55 11.20 19.64
CA LEU A 128 13.13 9.89 19.92
C LEU A 128 13.73 9.82 21.33
N ASP A 129 14.09 10.97 21.90
CA ASP A 129 14.56 11.04 23.28
C ASP A 129 13.57 10.39 24.25
N ALA A 130 12.28 10.44 23.91
CA ALA A 130 11.25 9.84 24.75
C ALA A 130 11.50 8.35 25.00
N ALA A 131 12.08 7.66 24.02
CA ALA A 131 12.24 6.22 24.12
C ALA A 131 13.23 5.83 25.22
N GLY A 132 14.19 6.71 25.52
CA GLY A 132 15.12 6.46 26.61
C GLY A 132 14.45 6.32 27.96
N GLY A 133 13.39 7.09 28.18
CA GLY A 133 12.63 7.00 29.43
C GLY A 133 11.87 5.70 29.55
N VAL A 134 11.36 5.22 28.43
CA VAL A 134 10.65 3.95 28.39
C VAL A 134 11.63 2.80 28.63
N ALA A 135 12.80 2.85 28.01
CA ALA A 135 13.82 1.84 28.29
C ALA A 135 14.21 1.83 29.77
N ALA A 136 14.32 2.99 30.38
CA ALA A 136 14.67 3.08 31.79
C ALA A 136 13.61 2.42 32.66
N TRP A 137 12.35 2.73 32.39
CA TRP A 137 11.24 2.13 33.14
C TRP A 137 11.26 0.60 32.98
N LEU A 138 11.45 0.14 31.75
CA LEU A 138 11.46 -1.31 31.48
C LEU A 138 12.57 -2.01 32.25
N GLU A 139 13.75 -1.39 32.32
CA GLU A 139 14.85 -1.95 33.10
C GLU A 139 14.46 -2.09 34.58
N GLU A 140 13.84 -1.04 35.14
CA GLU A 140 13.38 -1.07 36.52
C GLU A 140 12.41 -2.22 36.78
N GLN A 141 11.61 -2.52 35.76
CA GLN A 141 10.61 -3.60 35.82
C GLN A 141 11.19 -4.99 35.55
N GLY A 142 12.47 -5.05 35.19
CA GLY A 142 13.12 -6.30 34.83
C GLY A 142 12.64 -6.91 33.53
N ARG A 143 12.23 -6.04 32.61
CA ARG A 143 11.65 -6.47 31.34
C ARG A 143 12.55 -6.12 30.17
N GLY A 144 13.14 -7.15 29.57
CA GLY A 144 14.05 -6.96 28.44
C GLY A 144 14.82 -8.22 28.16
N PHE A 145 15.73 -8.16 27.21
CA PHE A 145 16.54 -9.31 26.86
C PHE A 145 17.48 -9.61 28.01
N PRO A 146 17.47 -10.85 28.52
CA PRO A 146 18.30 -11.18 29.67
C PRO A 146 19.78 -11.24 29.29
N VAL A 147 20.59 -10.49 30.02
CA VAL A 147 22.02 -10.45 29.77
C VAL A 147 22.76 -10.91 31.03
N GLY A 148 22.39 -12.10 31.47
CA GLY A 148 23.08 -12.79 32.56
C GLY A 148 22.19 -13.72 33.36
N ALA A 149 22.80 -14.45 34.29
CA ALA A 149 22.07 -15.27 35.26
C ALA A 149 21.34 -14.40 36.27
N ASP A 150 21.82 -13.18 36.47
CA ASP A 150 21.11 -12.20 37.29
C ASP A 150 19.91 -11.66 36.51
N PRO A 151 18.69 -11.88 37.02
CA PRO A 151 17.48 -11.53 36.26
C PRO A 151 17.17 -10.02 36.20
N SER A 152 17.84 -9.23 37.03
CA SER A 152 17.67 -7.77 36.97
C SER A 152 18.45 -7.16 35.79
N GLN A 153 19.36 -7.92 35.21
CA GLN A 153 20.21 -7.42 34.15
C GLN A 153 19.58 -7.70 32.81
N VAL A 154 18.90 -6.70 32.26
CA VAL A 154 18.19 -6.82 31.00
C VAL A 154 18.53 -5.65 30.08
N VAL A 155 18.42 -5.90 28.78
CA VAL A 155 18.50 -4.83 27.78
C VAL A 155 17.17 -4.75 27.06
N PRO A 156 16.39 -3.70 27.35
CA PRO A 156 15.11 -3.51 26.67
C PRO A 156 15.33 -3.05 25.23
N VAL A 157 14.68 -3.75 24.30
CA VAL A 157 14.62 -3.32 22.90
C VAL A 157 13.34 -2.53 22.72
N VAL A 158 13.50 -1.22 22.56
CA VAL A 158 12.38 -0.29 22.52
C VAL A 158 12.36 0.42 21.17
N PRO A 159 11.62 -0.15 20.21
CA PRO A 159 11.46 0.54 18.93
C PRO A 159 10.63 1.80 19.08
N ALA A 160 10.93 2.80 18.26
CA ALA A 160 10.17 4.04 18.25
C ALA A 160 10.08 4.61 16.87
N ALA A 161 9.01 5.35 16.63
CA ALA A 161 8.85 6.15 15.43
C ALA A 161 8.28 7.50 15.84
N ALA A 162 8.74 8.53 15.15
CA ALA A 162 8.37 9.90 15.48
C ALA A 162 7.61 10.55 14.33
N LEU A 163 6.78 11.54 14.67
CA LEU A 163 6.10 12.36 13.68
C LEU A 163 6.46 13.82 13.90
N PHE A 164 6.42 14.59 12.81
CA PHE A 164 6.80 15.99 12.87
C PHE A 164 5.59 16.83 13.27
N ASP A 165 5.72 17.51 14.41
CA ASP A 165 4.69 18.41 14.92
C ASP A 165 5.30 19.70 15.47
N LEU A 166 6.51 20.02 15.03
CA LEU A 166 7.28 21.08 15.67
C LEU A 166 6.56 22.42 15.57
N GLY A 167 6.52 23.13 16.69
CA GLY A 167 6.05 24.50 16.73
C GLY A 167 4.54 24.63 16.77
N ARG A 168 3.82 23.51 16.79
CA ARG A 168 2.36 23.59 16.69
C ARG A 168 1.67 24.11 17.95
N GLY A 169 2.41 24.19 19.05
CA GLY A 169 1.92 24.88 20.25
C GLY A 169 2.39 26.32 20.35
N GLY A 170 3.29 26.72 19.45
CA GLY A 170 3.88 28.05 19.49
C GLY A 170 5.39 28.05 19.72
N THR A 171 5.86 27.13 20.56
CA THR A 171 7.27 27.08 20.93
C THR A 171 8.00 25.98 20.14
N TRP A 172 9.05 26.37 19.43
CA TRP A 172 9.71 25.44 18.52
C TRP A 172 10.39 24.27 19.24
N ARG A 173 11.10 24.55 20.33
CA ARG A 173 11.87 23.50 20.97
C ARG A 173 11.07 22.73 22.02
N ALA A 174 9.75 22.81 21.91
CA ALA A 174 8.84 22.10 22.80
C ALA A 174 8.53 20.67 22.32
N ARG A 175 9.40 19.74 22.68
CA ARG A 175 9.34 18.38 22.16
C ARG A 175 9.41 17.35 23.27
N PRO A 176 8.84 16.16 23.04
CA PRO A 176 8.90 15.12 24.06
C PRO A 176 10.32 14.78 24.48
N ASP A 177 10.48 14.52 25.78
CA ASP A 177 11.77 14.10 26.35
C ASP A 177 11.62 12.77 27.06
N ALA A 178 12.70 12.28 27.66
CA ALA A 178 12.67 11.01 28.36
C ALA A 178 11.57 10.95 29.42
N ALA A 179 11.40 12.04 30.17
CA ALA A 179 10.39 12.07 31.23
C ALA A 179 8.98 11.90 30.66
N LEU A 180 8.71 12.49 29.50
CA LEU A 180 7.38 12.37 28.90
C LEU A 180 7.14 10.94 28.39
N GLY A 181 8.18 10.32 27.86
CA GLY A 181 8.08 8.92 27.45
C GLY A 181 7.83 8.00 28.63
N ARG A 182 8.56 8.23 29.72
CA ARG A 182 8.34 7.46 30.94
CA ARG A 182 8.34 7.46 30.94
C ARG A 182 6.91 7.62 31.43
N ALA A 183 6.41 8.84 31.41
CA ALA A 183 5.05 9.10 31.86
C ALA A 183 4.04 8.30 31.05
N ALA A 184 4.29 8.18 29.75
CA ALA A 184 3.38 7.46 28.86
C ALA A 184 3.36 5.96 29.16
N VAL A 185 4.52 5.36 29.35
CA VAL A 185 4.53 3.93 29.68
C VAL A 185 4.02 3.64 31.09
N GLU A 186 4.29 4.52 32.04
CA GLU A 186 3.71 4.41 33.38
C GLU A 186 2.19 4.51 33.31
N ALA A 187 1.69 5.39 32.46
CA ALA A 187 0.24 5.52 32.27
C ALA A 187 -0.33 4.24 31.68
N ALA A 188 0.39 3.61 30.76
CA ALA A 188 -0.04 2.36 30.16
C ALA A 188 -0.14 1.25 31.19
N ALA A 189 0.90 1.14 32.00
CA ALA A 189 1.00 0.07 32.98
C ALA A 189 -0.07 0.16 34.07
N ALA A 190 -0.57 1.36 34.33
CA ALA A 190 -1.55 1.59 35.39
C ALA A 190 -2.96 1.18 34.97
N ARG A 191 -3.17 0.99 33.67
CA ARG A 191 -4.49 0.60 33.16
C ARG A 191 -4.71 -0.89 33.30
N PRO A 192 -5.98 -1.31 33.48
CA PRO A 192 -6.31 -2.73 33.44
C PRO A 192 -6.28 -3.28 32.01
N GLU A 193 -6.38 -4.59 31.87
CA GLU A 193 -6.60 -5.19 30.56
C GLU A 193 -7.96 -4.77 30.03
N GLY A 194 -8.06 -4.66 28.70
CA GLY A 194 -9.34 -4.38 28.05
C GLY A 194 -9.89 -3.01 28.35
N ASP A 195 -9.00 -2.06 28.65
CA ASP A 195 -9.39 -0.69 28.95
C ASP A 195 -9.61 0.09 27.65
N PRO A 196 -10.73 0.83 27.55
CA PRO A 196 -10.95 1.60 26.34
C PRO A 196 -9.79 2.54 26.06
N VAL A 197 -9.42 2.65 24.78
CA VAL A 197 -8.31 3.50 24.37
C VAL A 197 -8.81 4.92 24.18
N GLU A 198 -8.13 5.88 24.80
CA GLU A 198 -8.43 7.27 24.60
C GLU A 198 -7.99 7.72 23.20
N GLN A 199 -8.91 8.34 22.47
CA GLN A 199 -8.65 8.78 21.11
C GLN A 199 -8.60 10.29 21.08
N GLY A 200 -8.28 10.85 19.91
CA GLY A 200 -8.28 12.30 19.74
C GLY A 200 -6.91 12.92 19.89
N GLY A 201 -6.89 14.16 20.36
CA GLY A 201 -5.65 14.91 20.52
C GLY A 201 -4.95 14.57 21.81
N VAL A 202 -4.46 13.33 21.87
CA VAL A 202 -3.81 12.78 23.03
C VAL A 202 -2.54 12.06 22.61
N GLY A 203 -1.60 11.93 23.54
CA GLY A 203 -0.35 11.26 23.27
C GLY A 203 0.32 11.78 22.01
N ALA A 204 0.81 10.87 21.19
CA ALA A 204 1.47 11.23 19.93
C ALA A 204 0.54 11.99 18.97
N GLY A 205 -0.76 11.86 19.18
CA GLY A 205 -1.74 12.56 18.36
C GLY A 205 -1.99 14.00 18.75
N THR A 206 -1.42 14.44 19.86
CA THR A 206 -1.71 15.76 20.41
C THR A 206 -1.50 16.88 19.38
N GLY A 207 -0.36 16.85 18.69
CA GLY A 207 -0.02 17.87 17.71
C GLY A 207 -0.17 17.41 16.27
N ALA A 208 -0.90 16.32 16.06
CA ALA A 208 -1.02 15.70 14.75
C ALA A 208 -2.01 16.44 13.86
N VAL A 209 -1.65 16.56 12.58
CA VAL A 209 -2.45 17.23 11.56
C VAL A 209 -2.49 16.35 10.32
N VAL A 210 -3.69 16.14 9.75
CA VAL A 210 -3.85 15.29 8.58
C VAL A 210 -4.48 16.10 7.44
N GLY A 211 -3.67 16.37 6.42
CA GLY A 211 -4.11 17.15 5.26
C GLY A 211 -4.71 18.48 5.67
N GLY A 212 -4.11 19.09 6.69
CA GLY A 212 -4.55 20.39 7.19
C GLY A 212 -5.58 20.35 8.30
N LEU A 213 -6.40 19.29 8.32
CA LEU A 213 -7.38 19.09 9.38
C LEU A 213 -6.62 18.60 10.61
N LYS A 214 -7.23 18.76 11.77
CA LYS A 214 -6.66 18.17 12.97
C LYS A 214 -6.69 16.65 12.85
N GLY A 215 -5.54 16.04 13.11
CA GLY A 215 -5.44 14.60 13.21
C GLY A 215 -5.50 14.17 14.66
N GLY A 216 -4.89 13.03 14.94
CA GLY A 216 -4.89 12.52 16.30
C GLY A 216 -4.75 11.03 16.36
N ILE A 217 -5.10 10.48 17.52
CA ILE A 217 -5.10 9.05 17.77
C ILE A 217 -6.46 8.47 17.41
N GLY A 218 -6.43 7.34 16.70
CA GLY A 218 -7.63 6.56 16.46
C GLY A 218 -7.33 5.09 16.58
N THR A 219 -8.37 4.29 16.81
CA THR A 219 -8.18 2.88 17.02
C THR A 219 -9.42 2.10 16.54
N ALA A 220 -9.22 0.82 16.24
CA ALA A 220 -10.29 -0.04 15.75
C ALA A 220 -9.90 -1.49 15.92
N SER A 221 -10.88 -2.36 16.07
CA SER A 221 -10.62 -3.79 16.14
C SER A 221 -11.66 -4.57 15.36
N VAL A 222 -11.35 -5.84 15.09
CA VAL A 222 -12.29 -6.76 14.48
C VAL A 222 -12.03 -8.17 15.02
N VAL A 223 -13.09 -8.94 15.17
CA VAL A 223 -12.98 -10.32 15.63
C VAL A 223 -13.07 -11.25 14.43
N LEU A 224 -12.13 -12.18 14.35
CA LEU A 224 -12.11 -13.13 13.25
C LEU A 224 -13.01 -14.32 13.57
N ASP A 225 -13.40 -15.05 12.54
CA ASP A 225 -14.22 -16.25 12.71
C ASP A 225 -13.58 -17.26 13.66
N SER A 226 -12.25 -17.24 13.71
CA SER A 226 -11.49 -18.11 14.62
C SER A 226 -11.61 -17.71 16.08
N GLY A 227 -12.08 -16.49 16.33
CA GLY A 227 -12.14 -15.94 17.68
C GLY A 227 -10.98 -15.02 17.99
N ALA A 228 -9.97 -15.01 17.13
CA ALA A 228 -8.85 -14.09 17.29
C ALA A 228 -9.29 -12.66 17.01
N THR A 229 -8.63 -11.73 17.66
CA THR A 229 -8.86 -10.31 17.44
C THR A 229 -7.67 -9.67 16.73
N VAL A 230 -7.96 -8.83 15.75
CA VAL A 230 -6.96 -7.98 15.11
C VAL A 230 -7.36 -6.53 15.33
N ALA A 231 -6.39 -5.68 15.62
CA ALA A 231 -6.71 -4.31 15.94
C ALA A 231 -5.58 -3.38 15.56
N ALA A 232 -5.89 -2.11 15.45
CA ALA A 232 -4.88 -1.10 15.13
C ALA A 232 -5.06 0.17 15.96
N LEU A 233 -3.94 0.83 16.18
CA LEU A 233 -3.91 2.18 16.75
C LEU A 233 -3.06 3.02 15.80
N ALA A 234 -3.56 4.20 15.46
CA ALA A 234 -2.85 5.10 14.54
C ALA A 234 -2.72 6.50 15.12
N ALA A 235 -1.55 7.10 14.91
CA ALA A 235 -1.36 8.53 15.11
C ALA A 235 -1.22 9.15 13.73
N VAL A 236 -2.26 9.90 13.34
CA VAL A 236 -2.44 10.31 11.96
C VAL A 236 -2.01 11.76 11.77
N ASN A 237 -0.89 11.94 11.07
CA ASN A 237 -0.24 13.23 10.84
C ASN A 237 0.18 13.36 9.37
N ALA A 238 -0.68 12.86 8.47
CA ALA A 238 -0.33 12.67 7.07
C ALA A 238 -0.31 13.98 6.27
N ALA A 239 0.54 14.00 5.24
CA ALA A 239 0.52 15.06 4.22
C ALA A 239 -0.76 15.00 3.39
N GLY A 240 -1.14 13.79 3.00
CA GLY A 240 -2.31 13.59 2.15
C GLY A 240 -3.61 13.78 2.90
N SER A 241 -4.71 13.59 2.18
CA SER A 241 -6.03 13.89 2.70
C SER A 241 -6.76 12.62 3.08
N ALA A 242 -7.48 12.66 4.19
CA ALA A 242 -8.39 11.60 4.59
C ALA A 242 -9.76 11.82 3.96
N VAL A 243 -9.92 12.93 3.25
CA VAL A 243 -11.22 13.36 2.76
C VAL A 243 -11.17 13.41 1.23
N ASP A 244 -12.15 12.78 0.59
CA ASP A 244 -12.28 12.87 -0.86
C ASP A 244 -12.56 14.33 -1.24
N PRO A 245 -11.70 14.93 -2.06
CA PRO A 245 -11.86 16.37 -2.31
C PRO A 245 -13.07 16.71 -3.20
N ALA A 246 -13.64 15.70 -3.86
CA ALA A 246 -14.84 15.89 -4.67
C ALA A 246 -16.12 15.97 -3.84
N THR A 247 -16.16 15.22 -2.74
CA THR A 247 -17.42 14.98 -2.02
C THR A 247 -17.40 15.37 -0.53
N GLY A 248 -16.23 15.34 0.08
CA GLY A 248 -16.14 15.55 1.53
C GLY A 248 -16.26 14.27 2.33
N VAL A 249 -16.51 13.16 1.65
CA VAL A 249 -16.60 11.85 2.30
C VAL A 249 -15.21 11.39 2.74
N LEU A 250 -15.12 10.78 3.90
CA LEU A 250 -13.88 10.17 4.36
C LEU A 250 -13.57 8.93 3.54
N TYR A 251 -12.39 8.90 2.95
CA TYR A 251 -11.95 7.78 2.12
C TYR A 251 -12.17 6.46 2.84
N GLY A 252 -11.85 6.41 4.12
CA GLY A 252 -11.86 5.15 4.85
C GLY A 252 -13.25 4.66 5.24
N ALA A 253 -14.25 5.54 5.14
CA ALA A 253 -15.56 5.25 5.68
C ALA A 253 -16.19 3.99 5.08
N ARG A 254 -15.97 3.74 3.80
CA ARG A 254 -16.62 2.59 3.17
C ARG A 254 -16.02 1.26 3.60
N THR A 255 -14.95 1.31 4.38
CA THR A 255 -14.36 0.10 4.99
C THR A 255 -14.90 -0.13 6.39
N GLY A 256 -15.72 0.81 6.87
CA GLY A 256 -16.33 0.73 8.19
C GLY A 256 -17.28 -0.45 8.36
N LEU A 257 -17.36 -0.92 9.60
CA LEU A 257 -18.37 -1.91 10.00
C LEU A 257 -19.65 -1.17 10.42
N PRO A 258 -20.80 -1.86 10.36
CA PRO A 258 -22.10 -1.23 10.58
C PRO A 258 -22.19 -0.40 11.87
N GLY A 259 -22.47 0.90 11.70
CA GLY A 259 -22.79 1.77 12.83
C GLY A 259 -21.63 2.25 13.68
N GLU A 260 -20.40 1.91 13.30
CA GLU A 260 -19.27 2.15 14.21
C GLU A 260 -18.89 3.62 14.32
N PHE A 261 -19.33 4.42 13.36
CA PHE A 261 -19.00 5.85 13.34
C PHE A 261 -20.20 6.72 13.72
N ALA A 262 -21.33 6.09 14.03
CA ALA A 262 -22.59 6.82 14.22
C ALA A 262 -22.56 7.73 15.44
N GLY A 263 -21.74 7.36 16.43
CA GLY A 263 -21.59 8.15 17.65
C GLY A 263 -21.02 9.54 17.45
N TYR A 264 -20.32 9.74 16.34
CA TYR A 264 -19.68 11.03 16.04
C TYR A 264 -20.66 12.01 15.35
N GLY A 265 -21.82 11.51 14.93
CA GLY A 265 -22.92 12.37 14.50
C GLY A 265 -22.65 13.20 13.26
N VAL A 266 -22.03 12.60 12.26
CA VAL A 266 -21.86 13.22 10.94
C VAL A 266 -23.04 12.82 10.05
N PRO A 267 -23.53 13.75 9.22
CA PRO A 267 -24.65 13.42 8.35
C PRO A 267 -24.30 12.33 7.34
N ASP A 268 -25.23 11.39 7.17
CA ASP A 268 -25.05 10.27 6.23
C ASP A 268 -24.66 10.76 4.84
N ALA A 269 -25.33 11.81 4.37
CA ALA A 269 -24.97 12.45 3.10
C ALA A 269 -24.42 13.86 3.34
N ILE A 270 -23.32 14.19 2.65
CA ILE A 270 -22.72 15.51 2.74
C ILE A 270 -23.25 16.40 1.61
N GLY A 271 -23.96 17.47 1.98
CA GLY A 271 -24.45 18.43 1.01
C GLY A 271 -23.32 19.17 0.31
N ALA A 272 -23.53 19.49 -0.96
CA ALA A 272 -22.49 20.10 -1.78
C ALA A 272 -22.05 21.46 -1.24
N ASP A 273 -22.99 22.20 -0.65
CA ASP A 273 -22.64 23.50 -0.10
CA ASP A 273 -22.73 23.51 -0.05
C ASP A 273 -22.00 23.39 1.28
N THR A 274 -22.29 22.33 2.02
CA THR A 274 -21.51 22.01 3.22
C THR A 274 -20.06 21.75 2.82
N HIS A 275 -19.86 20.98 1.77
CA HIS A 275 -18.51 20.67 1.30
C HIS A 275 -17.81 21.93 0.77
N ALA A 276 -18.58 22.79 0.10
CA ALA A 276 -18.05 24.06 -0.39
C ALA A 276 -17.57 24.95 0.76
N ARG A 277 -18.41 25.07 1.79
CA ARG A 277 -18.07 25.86 2.98
C ARG A 277 -16.82 25.26 3.67
N ALA A 278 -16.79 23.94 3.79
CA ALA A 278 -15.67 23.25 4.46
C ALA A 278 -14.33 23.46 3.74
N ARG A 279 -14.35 23.30 2.42
CA ARG A 279 -13.13 23.49 1.61
C ARG A 279 -12.56 24.90 1.76
N ALA A 280 -13.45 25.89 1.79
CA ALA A 280 -13.04 27.29 1.93
C ALA A 280 -12.49 27.55 3.33
N ARG A 281 -13.19 27.04 4.34
CA ARG A 281 -12.76 27.13 5.74
C ARG A 281 -11.38 26.52 5.96
N LEU A 282 -11.13 25.35 5.37
CA LEU A 282 -9.84 24.67 5.51
C LEU A 282 -8.74 25.39 4.73
N ALA A 283 -9.07 25.87 3.53
CA ALA A 283 -8.13 26.62 2.71
C ALA A 283 -7.65 27.88 3.44
N GLU A 284 -8.56 28.54 4.17
CA GLU A 284 -8.20 29.76 4.89
C GLU A 284 -7.41 29.47 6.17
N ALA A 285 -7.72 28.35 6.82
CA ALA A 285 -6.93 27.92 7.98
C ALA A 285 -5.50 27.56 7.58
N ALA A 286 -5.34 27.01 6.37
CA ALA A 286 -4.01 26.72 5.83
C ALA A 286 -3.24 28.00 5.55
N GLU A 287 -3.91 28.97 4.91
CA GLU A 287 -3.34 30.30 4.70
C GLU A 287 -2.82 30.90 6.00
N GLU A 288 -3.69 30.89 7.01
CA GLU A 288 -3.39 31.52 8.30
C GLU A 288 -2.27 30.77 9.01
N THR A 289 -2.31 29.44 8.94
CA THR A 289 -1.26 28.60 9.52
C THR A 289 0.10 28.95 8.93
N ALA A 290 0.16 29.05 7.59
CA ALA A 290 1.40 29.39 6.90
C ALA A 290 1.90 30.78 7.32
N ARG A 291 0.96 31.70 7.55
CA ARG A 291 1.26 33.05 8.00
C ARG A 291 1.91 33.04 9.39
N ARG A 292 1.30 32.30 10.31
CA ARG A 292 1.74 32.29 11.71
C ARG A 292 3.09 31.62 11.87
N ARG A 293 3.33 30.61 11.05
CA ARG A 293 4.52 29.80 11.19
C ARG A 293 5.69 30.44 10.48
N ALA A 294 6.88 30.19 11.02
CA ALA A 294 8.08 30.89 10.61
C ALA A 294 8.49 30.47 9.20
N GLY A 295 8.75 29.18 9.04
CA GLY A 295 9.02 28.59 7.75
C GLY A 295 7.76 27.96 7.18
N GLY A 296 6.64 28.59 7.49
CA GLY A 296 5.34 28.19 6.99
C GLY A 296 4.87 26.85 7.49
N ALA A 297 3.94 26.26 6.74
CA ALA A 297 3.39 24.96 7.09
C ALA A 297 4.48 23.91 7.17
N ALA A 298 4.25 22.94 8.06
CA ALA A 298 5.11 21.77 8.21
C ALA A 298 5.41 21.08 6.87
N THR A 299 6.66 20.65 6.71
CA THR A 299 7.18 20.03 5.48
C THR A 299 7.30 18.51 5.64
N LEU A 300 7.31 18.04 6.88
CA LEU A 300 7.41 16.63 7.18
C LEU A 300 6.14 16.15 7.85
N ASN A 301 5.76 14.93 7.52
CA ASN A 301 4.45 14.39 7.87
C ASN A 301 4.63 12.92 8.16
N ALA A 302 3.62 12.28 8.72
CA ALA A 302 3.70 10.84 8.97
C ALA A 302 2.37 10.29 9.41
N THR A 303 2.15 9.01 9.17
CA THR A 303 1.16 8.26 9.93
C THR A 303 1.90 7.11 10.61
N LEU A 304 1.75 7.03 11.94
CA LEU A 304 2.41 6.00 12.73
C LEU A 304 1.36 5.04 13.24
N ALA A 305 1.64 3.75 13.23
CA ALA A 305 0.62 2.81 13.68
C ALA A 305 1.20 1.58 14.33
N VAL A 306 0.39 0.98 15.18
CA VAL A 306 0.65 -0.35 15.71
C VAL A 306 -0.57 -1.22 15.40
N VAL A 307 -0.31 -2.37 14.81
CA VAL A 307 -1.33 -3.38 14.57
CA VAL A 307 -1.33 -3.38 14.57
C VAL A 307 -1.01 -4.58 15.45
N ALA A 308 -2.03 -5.13 16.10
CA ALA A 308 -1.80 -6.21 17.06
C ALA A 308 -2.84 -7.30 16.88
N THR A 309 -2.46 -8.51 17.26
CA THR A 309 -3.38 -9.63 17.26
C THR A 309 -2.97 -10.61 18.36
N ASP A 310 -3.92 -11.40 18.83
CA ASP A 310 -3.61 -12.49 19.74
C ASP A 310 -3.40 -13.80 19.00
N ALA A 311 -3.65 -13.82 17.69
CA ALA A 311 -3.26 -14.95 16.85
C ALA A 311 -1.74 -15.09 16.89
N THR A 312 -1.26 -16.31 17.06
CA THR A 312 0.18 -16.55 17.16
C THR A 312 0.84 -16.40 15.79
N LEU A 313 1.75 -15.43 15.69
CA LEU A 313 2.54 -15.22 14.49
C LEU A 313 4.01 -15.38 14.78
N THR A 314 4.76 -15.89 13.80
CA THR A 314 6.21 -15.78 13.82
C THR A 314 6.58 -14.34 13.51
N ARG A 315 7.84 -13.98 13.73
CA ARG A 315 8.29 -12.63 13.43
CA ARG A 315 8.29 -12.63 13.42
C ARG A 315 8.09 -12.32 11.94
N ALA A 316 8.37 -13.29 11.08
CA ALA A 316 8.24 -13.05 9.64
C ALA A 316 6.79 -12.85 9.25
N GLN A 317 5.90 -13.63 9.86
CA GLN A 317 4.46 -13.43 9.65
C GLN A 317 4.02 -12.05 10.14
N ALA A 318 4.56 -11.62 11.27
CA ALA A 318 4.24 -10.30 11.80
C ALA A 318 4.79 -9.21 10.87
N GLN A 319 5.94 -9.46 10.27
CA GLN A 319 6.53 -8.52 9.33
C GLN A 319 5.64 -8.38 8.10
N LYS A 320 5.08 -9.48 7.65
CA LYS A 320 4.13 -9.46 6.54
C LYS A 320 2.88 -8.67 6.93
N LEU A 321 2.41 -8.86 8.15
CA LEU A 321 1.24 -8.12 8.65
C LEU A 321 1.51 -6.61 8.72
N ALA A 322 2.71 -6.22 9.14
CA ALA A 322 3.06 -4.81 9.18
C ALA A 322 3.02 -4.23 7.76
N GLY A 323 3.43 -5.05 6.81
CA GLY A 323 3.38 -4.69 5.39
C GLY A 323 1.97 -4.53 4.86
N THR A 324 1.13 -5.53 5.09
CA THR A 324 -0.25 -5.47 4.57
C THR A 324 -1.05 -4.36 5.26
N ALA A 325 -0.73 -4.05 6.50
CA ALA A 325 -1.38 -2.94 7.19
C ALA A 325 -1.26 -1.62 6.43
N HIS A 326 -0.12 -1.40 5.78
CA HIS A 326 0.09 -0.19 5.00
C HIS A 326 -0.95 -0.02 3.88
N ASP A 327 -1.47 -1.12 3.37
CA ASP A 327 -2.53 -1.06 2.37
C ASP A 327 -3.79 -0.41 2.94
N GLY A 328 -4.06 -0.65 4.22
CA GLY A 328 -5.18 -0.01 4.89
C GLY A 328 -5.00 1.49 5.02
N LEU A 329 -3.77 1.91 5.29
CA LEU A 329 -3.44 3.33 5.29
C LEU A 329 -3.77 3.94 3.93
N ALA A 330 -3.35 3.27 2.86
CA ALA A 330 -3.61 3.74 1.51
C ALA A 330 -5.09 3.93 1.22
N ARG A 331 -5.92 3.05 1.75
CA ARG A 331 -7.36 3.17 1.53
C ARG A 331 -7.99 4.31 2.31
N ALA A 332 -7.32 4.80 3.36
CA ALA A 332 -7.87 5.86 4.19
C ALA A 332 -7.33 7.25 3.89
N VAL A 333 -6.16 7.31 3.26
CA VAL A 333 -5.47 8.57 3.04
C VAL A 333 -4.85 8.58 1.65
N ARG A 334 -4.95 9.70 0.95
CA ARG A 334 -4.37 9.81 -0.39
C ARG A 334 -3.86 11.23 -0.62
N PRO A 335 -2.61 11.38 -1.06
CA PRO A 335 -1.61 10.32 -1.20
C PRO A 335 -1.01 9.90 0.13
N VAL A 336 -0.28 8.78 0.13
CA VAL A 336 0.53 8.39 1.28
C VAL A 336 1.91 7.91 0.82
N HIS A 337 2.77 7.63 1.79
CA HIS A 337 4.11 7.10 1.55
C HIS A 337 4.94 7.98 0.63
N LEU A 338 4.74 9.29 0.71
CA LEU A 338 5.56 10.21 -0.07
C LEU A 338 6.95 10.31 0.57
N LEU A 339 7.84 11.06 -0.06
CA LEU A 339 9.15 11.41 0.55
C LEU A 339 8.99 12.23 1.84
N SER A 340 7.91 12.99 1.92
CA SER A 340 7.68 13.89 3.05
C SER A 340 7.09 13.14 4.24
N ASP A 341 6.77 11.86 4.03
CA ASP A 341 6.01 11.04 4.99
CA ASP A 341 6.04 11.10 5.03
C ASP A 341 6.89 10.03 5.71
N GLY A 342 6.78 9.97 7.03
CA GLY A 342 7.55 9.00 7.83
C GLY A 342 6.73 7.81 8.29
N ASP A 343 5.88 7.31 7.41
CA ASP A 343 4.89 6.28 7.75
C ASP A 343 5.53 4.98 8.22
N THR A 344 5.11 4.53 9.40
CA THR A 344 5.71 3.35 10.02
C THR A 344 4.63 2.54 10.68
N VAL A 345 4.61 1.23 10.42
CA VAL A 345 3.71 0.33 11.10
C VAL A 345 4.51 -0.72 11.85
N PHE A 346 4.25 -0.82 13.15
CA PHE A 346 4.72 -1.94 13.98
C PHE A 346 3.61 -2.98 14.10
N ALA A 347 3.97 -4.25 14.03
CA ALA A 347 3.03 -5.33 14.24
C ALA A 347 3.42 -6.15 15.46
N LEU A 348 2.41 -6.51 16.25
CA LEU A 348 2.61 -7.30 17.47
C LEU A 348 1.70 -8.52 17.48
N SER A 349 2.22 -9.64 17.97
CA SER A 349 1.42 -10.81 18.27
C SER A 349 1.63 -11.23 19.73
N THR A 350 0.56 -11.37 20.49
CA THR A 350 0.69 -11.82 21.87
C THR A 350 0.84 -13.34 21.98
N GLY A 351 0.62 -14.05 20.89
CA GLY A 351 0.89 -15.49 20.82
C GLY A 351 0.01 -16.35 21.71
N ARG A 352 -1.25 -15.95 21.86
CA ARG A 352 -2.15 -16.63 22.80
C ARG A 352 -3.13 -17.59 22.11
N ARG A 353 -3.32 -17.43 20.80
CA ARG A 353 -4.19 -18.31 20.02
C ARG A 353 -3.44 -18.92 18.84
N PRO A 354 -3.44 -20.24 18.74
CA PRO A 354 -2.87 -20.84 17.54
C PRO A 354 -3.62 -20.38 16.29
N LEU A 355 -2.90 -20.25 15.18
CA LEU A 355 -3.49 -19.81 13.92
C LEU A 355 -4.66 -20.71 13.56
N LEU A 356 -4.47 -22.02 13.69
CA LEU A 356 -5.49 -23.01 13.39
C LEU A 356 -6.12 -23.55 14.66
N HIS A 371 -2.28 -25.06 2.67
CA HIS A 371 -3.35 -24.12 2.34
C HIS A 371 -4.06 -23.64 3.60
N LEU A 372 -4.08 -24.51 4.61
CA LEU A 372 -4.79 -24.23 5.85
C LEU A 372 -4.19 -23.07 6.62
N GLU A 373 -2.90 -23.15 6.92
CA GLU A 373 -2.22 -22.07 7.62
C GLU A 373 -2.23 -20.80 6.77
N ALA A 374 -2.06 -20.95 5.46
CA ALA A 374 -2.04 -19.82 4.54
C ALA A 374 -3.36 -19.04 4.56
N GLY A 375 -4.47 -19.77 4.47
CA GLY A 375 -5.80 -19.16 4.58
C GLY A 375 -6.00 -18.44 5.90
N ALA A 376 -5.52 -19.06 6.97
CA ALA A 376 -5.68 -18.48 8.30
C ALA A 376 -4.90 -17.18 8.38
N LEU A 377 -3.67 -17.21 7.91
CA LEU A 377 -2.85 -16.00 7.92
CA LEU A 377 -2.82 -16.01 7.90
C LEU A 377 -3.44 -14.93 7.01
N ASN A 378 -3.95 -15.33 5.85
CA ASN A 378 -4.56 -14.36 4.95
C ASN A 378 -5.69 -13.59 5.61
N GLU A 379 -6.47 -14.26 6.46
CA GLU A 379 -7.56 -13.59 7.17
C GLU A 379 -7.00 -12.51 8.11
N VAL A 380 -5.92 -12.82 8.79
CA VAL A 380 -5.26 -11.85 9.66
C VAL A 380 -4.68 -10.69 8.86
N LEU A 381 -4.05 -11.00 7.73
CA LEU A 381 -3.42 -9.98 6.91
C LEU A 381 -4.45 -9.00 6.34
N ALA A 382 -5.55 -9.53 5.86
CA ALA A 382 -6.63 -8.71 5.30
C ALA A 382 -7.24 -7.84 6.40
N ALA A 383 -7.48 -8.44 7.56
CA ALA A 383 -8.00 -7.71 8.73
C ALA A 383 -7.06 -6.60 9.15
N GLY A 384 -5.77 -6.85 9.09
CA GLY A 384 -4.75 -5.87 9.48
C GLY A 384 -4.87 -4.58 8.70
N ALA A 385 -5.10 -4.72 7.40
CA ALA A 385 -5.32 -3.55 6.56
C ALA A 385 -6.61 -2.84 6.98
N ASP A 386 -7.67 -3.61 7.13
CA ASP A 386 -8.99 -3.04 7.40
C ASP A 386 -9.02 -2.29 8.73
N VAL A 387 -8.40 -2.85 9.76
CA VAL A 387 -8.43 -2.18 11.07
C VAL A 387 -7.62 -0.88 11.04
N LEU A 388 -6.56 -0.82 10.24
CA LEU A 388 -5.82 0.43 10.11
C LEU A 388 -6.64 1.48 9.35
N THR A 389 -7.31 1.08 8.27
CA THR A 389 -8.21 1.99 7.55
C THR A 389 -9.23 2.59 8.52
N ARG A 390 -9.84 1.72 9.31
CA ARG A 390 -10.88 2.14 10.24
C ARG A 390 -10.34 3.00 11.38
N ALA A 391 -9.16 2.66 11.88
CA ALA A 391 -8.49 3.45 12.92
C ALA A 391 -8.21 4.88 12.44
N VAL A 392 -7.81 5.04 11.19
CA VAL A 392 -7.58 6.38 10.66
C VAL A 392 -8.87 7.20 10.66
N VAL A 393 -9.98 6.58 10.27
CA VAL A 393 -11.26 7.28 10.23
C VAL A 393 -11.65 7.71 11.64
N HIS A 394 -11.45 6.81 12.61
CA HIS A 394 -11.73 7.14 13.99
C HIS A 394 -10.86 8.30 14.48
N ALA A 395 -9.60 8.34 14.06
CA ALA A 395 -8.71 9.44 14.45
C ALA A 395 -9.23 10.77 13.94
N VAL A 396 -9.69 10.78 12.70
CA VAL A 396 -10.17 12.01 12.08
C VAL A 396 -11.47 12.47 12.75
N LEU A 397 -12.33 11.53 13.07
CA LEU A 397 -13.62 11.84 13.69
C LEU A 397 -13.48 12.20 15.16
N ALA A 398 -12.51 11.60 15.85
CA ALA A 398 -12.35 11.86 17.29
C ALA A 398 -11.67 13.19 17.57
N ALA A 399 -11.03 13.76 16.56
CA ALA A 399 -10.29 14.99 16.73
C ALA A 399 -11.20 16.19 17.03
N THR A 400 -10.66 17.11 17.80
CA THR A 400 -11.24 18.43 18.00
C THR A 400 -10.22 19.46 17.52
N GLY A 401 -10.71 20.58 16.99
CA GLY A 401 -9.86 21.57 16.36
C GLY A 401 -8.94 22.28 17.34
N VAL A 402 -7.85 22.83 16.82
CA VAL A 402 -6.95 23.65 17.61
C VAL A 402 -6.70 24.99 16.92
N ASP A 403 -6.34 25.98 17.73
CA ASP A 403 -6.01 27.31 17.26
C ASP A 403 -4.95 27.86 18.21
N THR A 404 -3.70 27.80 17.79
CA THR A 404 -2.57 28.22 18.62
C THR A 404 -1.66 29.11 17.77
N PRO A 405 -0.64 29.72 18.38
CA PRO A 405 0.29 30.53 17.59
C PRO A 405 1.07 29.74 16.53
N GLY A 406 1.05 28.42 16.63
CA GLY A 406 1.78 27.56 15.69
C GLY A 406 0.91 26.87 14.65
N GLY A 407 -0.39 27.12 14.68
CA GLY A 407 -1.30 26.54 13.68
C GLY A 407 -2.78 26.67 13.99
N VAL A 408 -3.58 26.80 12.93
CA VAL A 408 -5.04 26.67 13.01
C VAL A 408 -5.46 25.44 12.22
N HIS A 409 -6.06 24.48 12.92
CA HIS A 409 -6.41 23.19 12.32
C HIS A 409 -7.78 22.75 12.80
N PRO A 410 -8.83 23.08 12.03
CA PRO A 410 -10.16 22.65 12.39
C PRO A 410 -10.28 21.14 12.27
N SER A 411 -11.25 20.57 12.99
CA SER A 411 -11.52 19.14 12.87
C SER A 411 -12.53 18.89 11.75
N TYR A 412 -12.53 17.65 11.28
CA TYR A 412 -13.49 17.22 10.27
C TYR A 412 -14.93 17.51 10.73
N ARG A 413 -15.22 17.17 11.98
CA ARG A 413 -16.59 17.31 12.49
C ARG A 413 -17.01 18.76 12.61
N GLU A 414 -16.06 19.63 12.95
CA GLU A 414 -16.31 21.06 12.95
C GLU A 414 -16.73 21.57 11.58
N LEU A 415 -16.19 20.97 10.52
CA LEU A 415 -16.49 21.40 9.17
C LEU A 415 -17.73 20.73 8.60
N TYR A 416 -17.98 19.47 8.98
CA TYR A 416 -18.96 18.64 8.30
C TYR A 416 -20.15 18.16 9.14
N ALA A 417 -20.07 18.28 10.46
CA ALA A 417 -21.14 17.76 11.32
C ALA A 417 -22.24 18.78 11.58
N ILE B 45 -1.41 22.34 -17.59
CA ILE B 45 -1.63 21.24 -18.58
C ILE B 45 -1.77 19.85 -17.93
N GLY B 46 -1.57 19.76 -16.62
CA GLY B 46 -1.62 18.48 -15.91
C GLY B 46 -3.01 18.04 -15.51
N GLY B 47 -3.13 16.79 -15.05
CA GLY B 47 -4.39 16.26 -14.53
C GLY B 47 -5.31 15.69 -15.60
N VAL B 48 -4.76 15.50 -16.79
CA VAL B 48 -5.50 14.90 -17.90
C VAL B 48 -4.71 13.72 -18.42
N PRO B 49 -5.38 12.73 -19.03
CA PRO B 49 -4.61 11.64 -19.59
C PRO B 49 -3.73 12.07 -20.75
N GLY B 50 -2.68 11.28 -21.00
CA GLY B 50 -1.92 11.39 -22.24
C GLY B 50 -2.76 10.97 -23.43
N PRO B 51 -2.17 11.03 -24.63
CA PRO B 51 -2.97 10.90 -25.85
C PRO B 51 -3.86 9.68 -25.96
N HIS B 52 -3.36 8.50 -25.58
CA HIS B 52 -4.19 7.29 -25.63
C HIS B 52 -4.52 6.74 -24.26
N ASN B 53 -4.21 7.50 -23.21
CA ASN B 53 -4.47 7.09 -21.83
C ASN B 53 -3.83 5.74 -21.50
N GLY B 54 -2.53 5.64 -21.72
CA GLY B 54 -1.84 4.38 -21.53
C GLY B 54 -0.34 4.51 -21.46
N LEU B 55 0.31 3.36 -21.32
CA LEU B 55 1.72 3.31 -20.98
C LEU B 55 2.59 3.94 -22.07
N THR B 56 2.18 3.81 -23.32
CA THR B 56 2.97 4.29 -24.44
C THR B 56 2.87 5.81 -24.60
N ASP B 57 2.05 6.46 -23.77
CA ASP B 57 2.06 7.92 -23.69
C ASP B 57 3.37 8.43 -23.07
N VAL B 58 4.12 7.55 -22.42
CA VAL B 58 5.51 7.82 -22.08
C VAL B 58 6.35 7.63 -23.34
N PRO B 59 6.87 8.72 -23.91
CA PRO B 59 7.45 8.56 -25.26
C PRO B 59 8.60 7.56 -25.32
N GLY B 60 8.56 6.70 -26.33
CA GLY B 60 9.63 5.71 -26.54
C GLY B 60 9.28 4.34 -26.01
N VAL B 61 8.31 4.28 -25.11
CA VAL B 61 7.88 2.99 -24.56
C VAL B 61 7.03 2.27 -25.60
N ARG B 62 7.27 0.97 -25.73
CA ARG B 62 6.47 0.12 -26.59
C ARG B 62 5.96 -1.06 -25.75
N VAL B 63 4.79 -1.57 -26.13
CA VAL B 63 4.17 -2.71 -25.46
C VAL B 63 3.80 -3.75 -26.50
N GLY B 64 4.11 -5.01 -26.21
CA GLY B 64 3.77 -6.11 -27.11
C GLY B 64 3.10 -7.24 -26.36
N HIS B 65 2.06 -7.80 -26.96
CA HIS B 65 1.38 -8.98 -26.43
C HIS B 65 1.53 -10.16 -27.38
N ALA B 66 1.61 -11.35 -26.82
CA ALA B 66 1.43 -12.57 -27.59
C ALA B 66 0.66 -13.55 -26.74
N GLY B 67 -0.35 -14.17 -27.33
CA GLY B 67 -1.24 -15.04 -26.57
C GLY B 67 -1.61 -16.28 -27.36
N ARG B 68 -2.16 -17.23 -26.64
CA ARG B 68 -2.67 -18.44 -27.24
C ARG B 68 -4.02 -18.73 -26.60
N THR B 69 -5.05 -18.80 -27.44
CA THR B 69 -6.41 -19.05 -27.01
C THR B 69 -7.00 -20.15 -27.88
N GLY B 70 -7.68 -21.10 -27.23
CA GLY B 70 -8.34 -22.18 -27.94
C GLY B 70 -7.56 -23.46 -27.85
N ASP B 71 -8.23 -24.56 -28.19
CA ASP B 71 -7.62 -25.90 -28.20
CA ASP B 71 -7.58 -25.86 -28.23
C ASP B 71 -6.86 -26.15 -26.90
N GLY B 72 -7.44 -25.71 -25.80
CA GLY B 72 -6.94 -26.00 -24.46
C GLY B 72 -6.16 -24.87 -23.81
N TRP B 73 -5.92 -23.79 -24.55
CA TRP B 73 -5.03 -22.69 -24.13
C TRP B 73 -5.83 -21.44 -23.76
N LEU B 74 -5.33 -20.71 -22.77
CA LEU B 74 -5.82 -19.36 -22.48
C LEU B 74 -4.75 -18.65 -21.66
N THR B 75 -3.70 -18.23 -22.34
CA THR B 75 -2.56 -17.62 -21.66
C THR B 75 -1.79 -16.72 -22.62
N GLY B 76 -0.80 -16.03 -22.09
CA GLY B 76 0.03 -15.19 -22.94
C GLY B 76 1.08 -14.42 -22.18
N VAL B 77 1.76 -13.54 -22.90
CA VAL B 77 2.90 -12.79 -22.40
C VAL B 77 2.75 -11.34 -22.83
N THR B 78 3.12 -10.42 -21.95
CA THR B 78 3.17 -9.00 -22.26
C THR B 78 4.58 -8.52 -21.98
N VAL B 79 5.19 -7.87 -22.96
CA VAL B 79 6.51 -7.29 -22.80
C VAL B 79 6.43 -5.77 -22.92
N VAL B 80 7.05 -5.09 -21.97
CA VAL B 80 7.25 -3.65 -22.07
C VAL B 80 8.70 -3.42 -22.51
N LEU B 81 8.85 -2.73 -23.64
CA LEU B 81 10.14 -2.54 -24.28
C LEU B 81 10.52 -1.06 -24.21
N ALA B 82 11.60 -0.77 -23.51
CA ALA B 82 12.14 0.58 -23.42
C ALA B 82 12.71 1.02 -24.76
N PRO B 83 12.81 2.34 -24.99
CA PRO B 83 13.46 2.80 -26.21
C PRO B 83 14.93 2.42 -26.27
N PRO B 84 15.52 2.46 -27.47
CA PRO B 84 16.94 2.18 -27.56
C PRO B 84 17.73 3.01 -26.55
N GLY B 85 18.73 2.38 -25.93
CA GLY B 85 19.48 2.99 -24.83
C GLY B 85 19.02 2.49 -23.47
N GLY B 86 17.81 1.92 -23.44
CA GLY B 86 17.24 1.38 -22.22
C GLY B 86 16.58 2.42 -21.36
N ALA B 87 16.13 1.98 -20.18
CA ALA B 87 15.49 2.84 -19.21
C ALA B 87 16.00 2.47 -17.83
N VAL B 88 16.08 3.45 -16.94
CA VAL B 88 16.29 3.17 -15.54
C VAL B 88 15.13 2.34 -15.00
N ALA B 89 15.44 1.29 -14.26
CA ALA B 89 14.43 0.35 -13.81
C ALA B 89 14.61 -0.02 -12.35
N ALA B 90 13.49 -0.35 -11.70
CA ALA B 90 13.48 -0.83 -10.34
C ALA B 90 12.25 -1.72 -10.17
N VAL B 91 12.17 -2.37 -9.03
CA VAL B 91 11.09 -3.30 -8.73
C VAL B 91 10.71 -3.28 -7.25
N ASP B 92 9.44 -3.54 -6.97
CA ASP B 92 8.96 -3.81 -5.64
C ASP B 92 8.05 -5.02 -5.71
N VAL B 93 8.54 -6.14 -5.16
CA VAL B 93 7.82 -7.40 -5.15
C VAL B 93 7.20 -7.54 -3.77
N ARG B 94 5.86 -7.60 -3.73
N ARG B 94 5.88 -7.68 -3.73
CA ARG B 94 5.12 -7.31 -2.49
CA ARG B 94 5.22 -8.14 -2.53
C ARG B 94 4.05 -8.36 -2.16
C ARG B 94 4.53 -9.48 -2.76
N GLY B 95 3.63 -9.12 -3.16
N GLY B 95 5.16 -10.54 -2.29
CA GLY B 95 2.82 -10.30 -2.88
CA GLY B 95 4.61 -11.89 -2.44
C GLY B 95 3.61 -11.37 -2.19
C GLY B 95 5.57 -12.93 -3.01
N GLY B 96 2.93 -12.20 -1.42
N GLY B 96 6.61 -12.49 -3.70
CA GLY B 96 3.60 -13.26 -0.68
CA GLY B 96 7.59 -13.43 -4.26
C GLY B 96 3.81 -14.52 -1.48
C GLY B 96 7.10 -14.45 -5.29
N GLY B 97 3.30 -14.58 -2.70
N GLY B 97 6.03 -14.16 -6.03
CA GLY B 97 3.52 -15.74 -3.56
CA GLY B 97 5.57 -15.12 -7.06
C GLY B 97 4.11 -15.39 -4.92
C GLY B 97 4.61 -16.17 -6.42
N PRO B 98 5.28 -14.76 -4.93
N PRO B 98 4.52 -17.37 -7.14
CA PRO B 98 5.81 -14.28 -6.22
CA PRO B 98 5.78 -17.88 -7.69
C PRO B 98 6.44 -15.40 -7.06
C PRO B 98 5.98 -17.36 -9.10
N GLY B 99 6.50 -15.17 -8.37
N GLY B 99 7.20 -16.96 -9.37
CA GLY B 99 7.30 -15.97 -9.30
CA GLY B 99 7.63 -16.62 -10.71
C GLY B 99 8.04 -14.99 -10.16
C GLY B 99 8.17 -15.21 -10.79
N THR B 100 9.38 -15.00 -10.12
N THR B 100 9.34 -14.99 -10.21
CA THR B 100 10.12 -13.86 -10.60
CA THR B 100 10.12 -13.82 -10.60
C THR B 100 11.50 -14.22 -11.09
C THR B 100 11.50 -14.21 -11.08
N ARG B 101 12.06 -13.31 -11.87
CA ARG B 101 13.37 -13.48 -12.47
C ARG B 101 14.07 -12.14 -12.50
N GLU B 102 15.37 -12.18 -12.17
CA GLU B 102 16.29 -11.04 -12.31
C GLU B 102 15.87 -9.82 -11.51
N THR B 103 15.25 -10.03 -10.36
CA THR B 103 14.88 -8.91 -9.51
C THR B 103 16.07 -8.34 -8.73
N ASP B 104 17.01 -9.20 -8.33
CA ASP B 104 18.19 -8.74 -7.58
C ASP B 104 19.02 -7.75 -8.42
N ALA B 105 19.06 -7.97 -9.73
CA ALA B 105 19.85 -7.13 -10.62
C ALA B 105 19.33 -5.68 -10.61
N LEU B 106 18.10 -5.50 -10.17
CA LEU B 106 17.46 -4.17 -10.14
C LEU B 106 17.68 -3.42 -8.83
N ASP B 107 18.42 -4.01 -7.90
CA ASP B 107 18.75 -3.31 -6.66
C ASP B 107 19.59 -2.08 -6.99
N PRO B 108 19.32 -0.93 -6.34
CA PRO B 108 20.08 0.28 -6.66
C PRO B 108 21.60 0.20 -6.47
N ARG B 109 22.07 -0.75 -5.67
CA ARG B 109 23.50 -0.92 -5.41
C ARG B 109 24.26 -1.55 -6.57
N ASN B 110 23.53 -2.11 -7.52
CA ASN B 110 24.12 -3.08 -8.41
C ASN B 110 24.59 -2.51 -9.75
N LEU B 111 25.26 -3.36 -10.51
CA LEU B 111 26.04 -2.97 -11.67
C LEU B 111 25.24 -2.36 -12.82
N VAL B 112 24.17 -3.01 -13.22
N VAL B 112 24.14 -3.02 -13.17
CA VAL B 112 23.56 -2.69 -14.50
CA VAL B 112 23.35 -2.68 -14.35
C VAL B 112 22.66 -1.46 -14.37
C VAL B 112 22.10 -1.89 -13.98
N GLN B 113 22.89 -0.47 -15.21
N GLN B 113 22.11 -0.59 -14.25
CA GLN B 113 22.37 0.87 -14.94
CA GLN B 113 21.05 0.30 -13.78
C GLN B 113 21.04 1.14 -15.63
C GLN B 113 19.90 0.45 -14.80
N THR B 114 20.78 0.41 -16.71
N THR B 114 20.26 0.40 -16.07
CA THR B 114 19.50 0.50 -17.42
CA THR B 114 19.30 0.50 -17.18
C THR B 114 19.16 -0.87 -17.98
C THR B 114 19.12 -0.85 -17.87
N ILE B 115 17.89 -1.10 -18.29
CA ILE B 115 17.49 -2.34 -18.97
C ILE B 115 16.58 -2.00 -20.15
N ASP B 116 16.27 -3.00 -20.95
CA ASP B 116 15.50 -2.79 -22.18
C ASP B 116 14.10 -3.38 -22.14
N ALA B 117 13.91 -4.48 -21.45
CA ALA B 117 12.60 -5.15 -21.45
C ALA B 117 12.22 -5.71 -20.10
N VAL B 118 10.94 -5.62 -19.79
CA VAL B 118 10.32 -6.31 -18.65
C VAL B 118 9.26 -7.25 -19.17
N VAL B 119 9.21 -8.46 -18.60
CA VAL B 119 8.30 -9.51 -19.07
C VAL B 119 7.25 -9.82 -18.01
N LEU B 120 5.98 -9.71 -18.39
CA LEU B 120 4.87 -10.17 -17.57
C LEU B 120 4.28 -11.38 -18.25
N THR B 121 4.08 -12.46 -17.52
CA THR B 121 3.67 -13.70 -18.17
C THR B 121 2.66 -14.51 -17.38
N GLY B 122 1.77 -15.20 -18.09
CA GLY B 122 1.03 -16.31 -17.50
C GLY B 122 1.90 -17.54 -17.30
N GLY B 123 1.29 -18.62 -16.85
CA GLY B 123 1.98 -19.91 -16.71
C GLY B 123 2.64 -20.16 -15.37
N SER B 124 2.38 -19.26 -14.40
CA SER B 124 3.04 -19.35 -13.09
C SER B 124 4.55 -19.49 -13.30
N ALA B 125 5.24 -20.22 -12.43
CA ALA B 125 6.69 -20.30 -12.50
C ALA B 125 7.17 -20.83 -13.86
N PHE B 126 6.43 -21.76 -14.45
CA PHE B 126 6.79 -22.34 -15.75
C PHE B 126 6.90 -21.24 -16.80
N GLY B 127 6.02 -20.25 -16.73
CA GLY B 127 6.00 -19.18 -17.71
C GLY B 127 7.21 -18.28 -17.70
N LEU B 128 8.00 -18.35 -16.65
CA LEU B 128 9.28 -17.63 -16.65
C LEU B 128 10.15 -18.04 -17.84
N ASP B 129 9.89 -19.23 -18.38
CA ASP B 129 10.57 -19.69 -19.59
C ASP B 129 10.45 -18.67 -20.72
N ALA B 130 9.37 -17.90 -20.73
CA ALA B 130 9.17 -16.91 -21.78
C ALA B 130 10.28 -15.87 -21.81
N ALA B 131 10.85 -15.56 -20.66
CA ALA B 131 11.88 -14.53 -20.58
C ALA B 131 13.13 -14.90 -21.36
N GLY B 132 13.44 -16.18 -21.44
CA GLY B 132 14.60 -16.63 -22.21
C GLY B 132 14.50 -16.25 -23.67
N GLY B 133 13.29 -16.27 -24.20
CA GLY B 133 13.06 -15.86 -25.60
C GLY B 133 13.30 -14.39 -25.82
N VAL B 134 12.93 -13.59 -24.83
CA VAL B 134 13.14 -12.16 -24.87
C VAL B 134 14.63 -11.84 -24.77
N ALA B 135 15.34 -12.52 -23.86
CA ALA B 135 16.79 -12.36 -23.78
C ALA B 135 17.48 -12.71 -25.09
N ALA B 136 17.03 -13.78 -25.74
CA ALA B 136 17.59 -14.16 -27.03
C ALA B 136 17.42 -13.07 -28.10
N TRP B 137 16.21 -12.53 -28.19
CA TRP B 137 15.94 -11.43 -29.12
C TRP B 137 16.82 -10.21 -28.81
N LEU B 138 16.89 -9.85 -27.54
CA LEU B 138 17.71 -8.70 -27.17
C LEU B 138 19.17 -8.90 -27.56
N GLU B 139 19.69 -10.11 -27.41
CA GLU B 139 21.06 -10.36 -27.79
C GLU B 139 21.24 -10.15 -29.29
N GLU B 140 20.31 -10.66 -30.08
CA GLU B 140 20.35 -10.46 -31.53
C GLU B 140 20.36 -8.98 -31.90
N GLN B 141 19.64 -8.18 -31.12
CA GLN B 141 19.57 -6.74 -31.32
C GLN B 141 20.78 -5.96 -30.81
N GLY B 142 21.70 -6.65 -30.12
CA GLY B 142 22.84 -5.98 -29.51
C GLY B 142 22.47 -5.13 -28.31
N ARG B 143 21.39 -5.51 -27.63
CA ARG B 143 20.87 -4.71 -26.52
C ARG B 143 21.06 -5.43 -25.19
N GLY B 144 21.94 -4.88 -24.36
CA GLY B 144 22.23 -5.47 -23.07
C GLY B 144 23.50 -4.88 -22.50
N PHE B 145 23.90 -5.38 -21.33
CA PHE B 145 25.15 -4.94 -20.70
C PHE B 145 26.32 -5.40 -21.56
N PRO B 146 27.21 -4.46 -21.95
CA PRO B 146 28.30 -4.83 -22.84
C PRO B 146 29.40 -5.64 -22.15
N VAL B 147 29.75 -6.79 -22.71
CA VAL B 147 30.79 -7.68 -22.14
C VAL B 147 31.84 -8.03 -23.18
N GLY B 148 32.08 -7.09 -24.09
CA GLY B 148 33.22 -7.14 -24.99
C GLY B 148 33.59 -5.72 -25.40
N ALA B 149 34.75 -5.58 -26.04
CA ALA B 149 35.01 -4.46 -26.92
C ALA B 149 34.12 -4.64 -28.15
N ASP B 150 33.82 -5.91 -28.44
CA ASP B 150 32.86 -6.28 -29.47
C ASP B 150 31.45 -5.92 -29.00
N PRO B 151 30.78 -5.00 -29.70
CA PRO B 151 29.43 -4.57 -29.29
C PRO B 151 28.33 -5.63 -29.43
N SER B 152 28.61 -6.72 -30.14
CA SER B 152 27.64 -7.81 -30.28
C SER B 152 27.56 -8.68 -29.03
N GLN B 153 28.56 -8.55 -28.16
CA GLN B 153 28.64 -9.37 -26.97
C GLN B 153 27.99 -8.63 -25.81
N VAL B 154 26.74 -8.99 -25.51
CA VAL B 154 25.96 -8.31 -24.49
C VAL B 154 25.29 -9.33 -23.59
N VAL B 155 24.99 -8.92 -22.36
CA VAL B 155 24.19 -9.75 -21.47
C VAL B 155 22.93 -8.96 -21.10
N PRO B 156 21.79 -9.35 -21.67
CA PRO B 156 20.52 -8.68 -21.37
C PRO B 156 20.02 -9.03 -19.96
N VAL B 157 19.74 -8.02 -19.16
CA VAL B 157 19.06 -8.23 -17.88
C VAL B 157 17.57 -8.08 -18.13
N VAL B 158 16.86 -9.22 -18.08
CA VAL B 158 15.44 -9.28 -18.43
C VAL B 158 14.66 -9.72 -17.19
N PRO B 159 14.17 -8.75 -16.41
CA PRO B 159 13.31 -9.08 -15.27
C PRO B 159 11.97 -9.61 -15.75
N ALA B 160 11.39 -10.50 -14.96
CA ALA B 160 10.09 -11.05 -15.29
C ALA B 160 9.33 -11.33 -14.03
N ALA B 161 8.01 -11.29 -14.17
CA ALA B 161 7.10 -11.73 -13.12
C ALA B 161 5.95 -12.50 -13.76
N ALA B 162 5.53 -13.57 -13.08
CA ALA B 162 4.49 -14.46 -13.60
C ALA B 162 3.23 -14.41 -12.75
N LEU B 163 2.12 -14.73 -13.39
CA LEU B 163 0.85 -14.91 -12.69
C LEU B 163 0.33 -16.31 -12.96
N PHE B 164 -0.44 -16.83 -12.00
CA PHE B 164 -0.98 -18.16 -12.08
C PHE B 164 -2.29 -18.14 -12.87
N ASP B 165 -2.30 -18.82 -14.01
CA ASP B 165 -3.50 -19.01 -14.81
C ASP B 165 -3.64 -20.45 -15.28
N LEU B 166 -3.05 -21.37 -14.54
CA LEU B 166 -2.90 -22.72 -15.09
C LEU B 166 -4.26 -23.37 -15.30
N GLY B 167 -4.41 -24.00 -16.45
CA GLY B 167 -5.57 -24.81 -16.75
C GLY B 167 -6.78 -24.03 -17.21
N ARG B 168 -6.66 -22.70 -17.31
CA ARG B 168 -7.85 -21.89 -17.62
C ARG B 168 -8.36 -22.01 -19.03
N GLY B 169 -7.58 -22.63 -19.91
CA GLY B 169 -8.09 -23.00 -21.23
C GLY B 169 -8.57 -24.44 -21.31
N GLY B 170 -8.33 -25.22 -20.26
CA GLY B 170 -8.64 -26.64 -20.26
C GLY B 170 -7.44 -27.55 -20.09
N THR B 171 -6.29 -27.16 -20.66
CA THR B 171 -5.11 -28.01 -20.66
C THR B 171 -4.09 -27.51 -19.65
N TRP B 172 -3.70 -28.37 -18.73
CA TRP B 172 -2.89 -27.94 -17.59
C TRP B 172 -1.49 -27.50 -18.01
N ARG B 173 -0.88 -28.20 -18.94
CA ARG B 173 0.52 -27.92 -19.25
C ARG B 173 0.68 -26.87 -20.37
N ALA B 174 -0.39 -26.14 -20.62
CA ALA B 174 -0.44 -25.11 -21.66
C ALA B 174 0.03 -23.75 -21.13
N ARG B 175 1.34 -23.55 -21.13
CA ARG B 175 1.96 -22.39 -20.51
C ARG B 175 2.85 -21.66 -21.52
N PRO B 176 3.10 -20.36 -21.33
CA PRO B 176 4.04 -19.66 -22.19
C PRO B 176 5.45 -20.25 -22.18
N ASP B 177 6.08 -20.27 -23.36
CA ASP B 177 7.45 -20.76 -23.53
C ASP B 177 8.30 -19.67 -24.17
N ALA B 178 9.57 -19.98 -24.42
CA ALA B 178 10.46 -18.97 -24.96
C ALA B 178 9.94 -18.36 -26.26
N ALA B 179 9.35 -19.19 -27.11
CA ALA B 179 8.87 -18.71 -28.40
C ALA B 179 7.74 -17.69 -28.22
N LEU B 180 6.88 -17.91 -27.25
CA LEU B 180 5.79 -16.96 -27.00
C LEU B 180 6.32 -15.65 -26.43
N GLY B 181 7.33 -15.73 -25.56
CA GLY B 181 8.02 -14.52 -25.09
C GLY B 181 8.66 -13.74 -26.21
N ARG B 182 9.38 -14.44 -27.08
CA ARG B 182 9.98 -13.81 -28.26
CA ARG B 182 9.97 -13.81 -28.26
C ARG B 182 8.91 -13.12 -29.11
N ALA B 183 7.79 -13.81 -29.32
CA ALA B 183 6.73 -13.24 -30.14
C ALA B 183 6.24 -11.92 -29.55
N ALA B 184 6.18 -11.85 -28.22
CA ALA B 184 5.66 -10.66 -27.57
C ALA B 184 6.63 -9.49 -27.71
N VAL B 185 7.93 -9.72 -27.56
CA VAL B 185 8.88 -8.62 -27.71
C VAL B 185 9.00 -8.19 -29.17
N GLU B 186 8.92 -9.13 -30.09
CA GLU B 186 8.92 -8.79 -31.51
C GLU B 186 7.69 -7.96 -31.86
N ALA B 187 6.56 -8.27 -31.25
CA ALA B 187 5.35 -7.49 -31.46
C ALA B 187 5.54 -6.06 -30.95
N ALA B 188 6.15 -5.93 -29.77
CA ALA B 188 6.42 -4.62 -29.20
C ALA B 188 7.31 -3.82 -30.14
N ALA B 189 8.37 -4.45 -30.63
CA ALA B 189 9.38 -3.75 -31.42
C ALA B 189 8.79 -3.21 -32.73
N ALA B 190 7.77 -3.89 -33.25
CA ALA B 190 7.17 -3.55 -34.54
C ALA B 190 6.22 -2.35 -34.47
N ARG B 191 5.89 -1.92 -33.26
CA ARG B 191 5.00 -0.76 -33.09
C ARG B 191 5.76 0.56 -33.13
N PRO B 192 5.08 1.64 -33.56
CA PRO B 192 5.66 2.98 -33.43
C PRO B 192 5.59 3.47 -31.98
N GLU B 193 6.31 4.54 -31.68
CA GLU B 193 6.10 5.26 -30.42
C GLU B 193 4.66 5.77 -30.39
N GLY B 194 4.13 5.91 -29.17
CA GLY B 194 2.79 6.49 -28.98
C GLY B 194 1.67 5.68 -29.57
N ASP B 195 1.85 4.36 -29.61
CA ASP B 195 0.84 3.46 -30.18
C ASP B 195 -0.15 3.05 -29.08
N PRO B 196 -1.48 3.09 -29.38
CA PRO B 196 -2.41 2.67 -28.34
C PRO B 196 -2.14 1.24 -27.87
N VAL B 197 -2.26 1.03 -26.57
CA VAL B 197 -2.04 -0.27 -25.97
C VAL B 197 -3.33 -1.09 -26.00
N GLU B 198 -3.29 -2.31 -26.54
CA GLU B 198 -4.46 -3.17 -26.50
C GLU B 198 -4.70 -3.64 -25.07
N GLN B 199 -5.94 -3.52 -24.64
CA GLN B 199 -6.37 -3.93 -23.32
C GLN B 199 -7.23 -5.18 -23.39
N GLY B 200 -7.58 -5.71 -22.23
CA GLY B 200 -8.48 -6.85 -22.14
C GLY B 200 -7.73 -8.16 -22.08
N GLY B 201 -8.29 -9.18 -22.73
CA GLY B 201 -7.80 -10.55 -22.62
C GLY B 201 -6.72 -10.81 -23.62
N VAL B 202 -5.60 -10.12 -23.44
CA VAL B 202 -4.48 -10.18 -24.36
C VAL B 202 -3.21 -10.32 -23.55
N GLY B 203 -2.19 -10.90 -24.17
CA GLY B 203 -0.91 -11.06 -23.53
C GLY B 203 -1.04 -11.76 -22.18
N ALA B 204 -0.37 -11.22 -21.16
CA ALA B 204 -0.39 -11.82 -19.84
C ALA B 204 -1.78 -11.78 -19.21
N GLY B 205 -2.67 -10.93 -19.74
CA GLY B 205 -4.03 -10.84 -19.23
C GLY B 205 -4.98 -11.87 -19.82
N THR B 206 -4.52 -12.62 -20.81
CA THR B 206 -5.39 -13.56 -21.54
C THR B 206 -6.17 -14.47 -20.60
N GLY B 207 -5.46 -15.05 -19.64
CA GLY B 207 -6.08 -15.99 -18.71
C GLY B 207 -6.28 -15.43 -17.32
N ALA B 208 -6.23 -14.11 -17.19
CA ALA B 208 -6.28 -13.46 -15.89
C ALA B 208 -7.72 -13.35 -15.37
N VAL B 209 -7.85 -13.51 -14.05
CA VAL B 209 -9.13 -13.52 -13.33
C VAL B 209 -8.95 -12.69 -12.05
N VAL B 210 -9.90 -11.80 -11.77
CA VAL B 210 -9.83 -10.95 -10.59
C VAL B 210 -11.08 -11.12 -9.74
N GLY B 211 -10.91 -11.74 -8.58
CA GLY B 211 -12.05 -11.99 -7.68
C GLY B 211 -13.15 -12.77 -8.35
N GLY B 212 -12.77 -13.70 -9.22
CA GLY B 212 -13.72 -14.54 -9.96
C GLY B 212 -14.21 -13.99 -11.29
N LEU B 213 -14.23 -12.66 -11.41
CA LEU B 213 -14.55 -11.98 -12.67
C LEU B 213 -13.37 -12.10 -13.62
N LYS B 214 -13.64 -11.97 -14.91
CA LYS B 214 -12.55 -11.91 -15.87
C LYS B 214 -11.70 -10.67 -15.62
N GLY B 215 -10.39 -10.87 -15.50
CA GLY B 215 -9.44 -9.76 -15.41
C GLY B 215 -8.84 -9.47 -16.78
N GLY B 216 -7.60 -9.01 -16.81
CA GLY B 216 -6.93 -8.75 -18.08
C GLY B 216 -5.92 -7.64 -17.97
N ILE B 217 -5.54 -7.12 -19.13
CA ILE B 217 -4.66 -5.96 -19.23
C ILE B 217 -5.48 -4.67 -19.15
N GLY B 218 -5.01 -3.75 -18.33
CA GLY B 218 -5.47 -2.36 -18.37
C GLY B 218 -4.31 -1.38 -18.29
N THR B 219 -4.57 -0.16 -18.73
CA THR B 219 -3.53 0.86 -18.76
C THR B 219 -4.17 2.23 -18.56
N ALA B 220 -3.37 3.17 -18.07
CA ALA B 220 -3.82 4.55 -17.81
C ALA B 220 -2.59 5.44 -17.76
N SER B 221 -2.76 6.72 -18.05
CA SER B 221 -1.70 7.71 -17.92
C SER B 221 -2.24 9.03 -17.38
N VAL B 222 -1.33 9.87 -16.93
CA VAL B 222 -1.66 11.24 -16.55
C VAL B 222 -0.47 12.15 -16.87
N VAL B 223 -0.79 13.36 -17.30
CA VAL B 223 0.22 14.38 -17.52
C VAL B 223 0.36 15.22 -16.27
N LEU B 224 1.59 15.51 -15.88
CA LEU B 224 1.86 16.37 -14.74
C LEU B 224 1.94 17.82 -15.19
N ASP B 225 1.88 18.75 -14.24
CA ASP B 225 1.96 20.16 -14.59
C ASP B 225 3.32 20.50 -15.22
N SER B 226 4.34 19.73 -14.87
CA SER B 226 5.68 19.88 -15.47
C SER B 226 5.72 19.48 -16.95
N GLY B 227 4.69 18.76 -17.40
CA GLY B 227 4.66 18.23 -18.76
C GLY B 227 5.11 16.78 -18.85
N ALA B 228 5.69 16.27 -17.77
CA ALA B 228 6.01 14.85 -17.69
C ALA B 228 4.74 14.01 -17.67
N THR B 229 4.88 12.77 -18.11
CA THR B 229 3.79 11.81 -18.13
C THR B 229 4.15 10.65 -17.21
N VAL B 230 3.18 10.22 -16.42
CA VAL B 230 3.29 9.01 -15.62
C VAL B 230 2.18 8.06 -16.07
N ALA B 231 2.50 6.78 -16.20
CA ALA B 231 1.54 5.81 -16.69
C ALA B 231 1.75 4.44 -16.11
N ALA B 232 0.74 3.60 -16.22
CA ALA B 232 0.80 2.24 -15.70
C ALA B 232 0.17 1.27 -16.67
N LEU B 233 0.65 0.04 -16.63
CA LEU B 233 0.06 -1.07 -17.32
C LEU B 233 -0.05 -2.18 -16.27
N ALA B 234 -1.21 -2.82 -16.20
CA ALA B 234 -1.44 -3.86 -15.21
C ALA B 234 -2.04 -5.10 -15.85
N ALA B 235 -1.57 -6.26 -15.42
CA ALA B 235 -2.21 -7.54 -15.69
C ALA B 235 -2.86 -7.98 -14.39
N VAL B 236 -4.19 -7.94 -14.36
CA VAL B 236 -4.92 -8.05 -13.11
C VAL B 236 -5.49 -9.45 -12.95
N ASN B 237 -4.91 -10.20 -12.00
CA ASN B 237 -5.27 -11.60 -11.73
C ASN B 237 -5.42 -11.83 -10.22
N ALA B 238 -5.99 -10.84 -9.53
CA ALA B 238 -5.98 -10.77 -8.06
C ALA B 238 -6.94 -11.76 -7.39
N ALA B 239 -6.57 -12.19 -6.18
CA ALA B 239 -7.46 -12.96 -5.31
C ALA B 239 -8.63 -12.12 -4.85
N GLY B 240 -8.33 -10.87 -4.49
CA GLY B 240 -9.33 -9.97 -3.95
C GLY B 240 -10.26 -9.44 -5.02
N SER B 241 -11.17 -8.58 -4.59
CA SER B 241 -12.20 -8.06 -5.46
C SER B 241 -11.91 -6.64 -5.89
N ALA B 242 -12.21 -6.35 -7.14
CA ALA B 242 -12.20 -4.98 -7.65
C ALA B 242 -13.55 -4.28 -7.41
N VAL B 243 -14.51 -5.03 -6.89
CA VAL B 243 -15.90 -4.58 -6.74
C VAL B 243 -16.28 -4.57 -5.25
N ASP B 244 -16.85 -3.47 -4.78
CA ASP B 244 -17.35 -3.42 -3.41
C ASP B 244 -18.55 -4.37 -3.29
N PRO B 245 -18.44 -5.42 -2.46
CA PRO B 245 -19.51 -6.42 -2.39
C PRO B 245 -20.85 -5.87 -1.89
N ALA B 246 -20.83 -4.70 -1.28
CA ALA B 246 -22.05 -4.08 -0.76
C ALA B 246 -22.85 -3.35 -1.83
N THR B 247 -22.19 -2.89 -2.90
CA THR B 247 -22.80 -1.94 -3.82
C THR B 247 -22.68 -2.32 -5.30
N GLY B 248 -21.60 -2.99 -5.66
CA GLY B 248 -21.31 -3.27 -7.07
C GLY B 248 -20.39 -2.22 -7.69
N VAL B 249 -20.07 -1.20 -6.93
CA VAL B 249 -19.20 -0.12 -7.38
C VAL B 249 -17.75 -0.62 -7.48
N LEU B 250 -17.05 -0.25 -8.54
CA LEU B 250 -15.61 -0.53 -8.62
C LEU B 250 -14.83 0.34 -7.64
N TYR B 251 -14.05 -0.30 -6.79
CA TYR B 251 -13.28 0.41 -5.77
C TYR B 251 -12.46 1.53 -6.39
N GLY B 252 -11.83 1.24 -7.54
CA GLY B 252 -10.93 2.19 -8.16
C GLY B 252 -11.60 3.37 -8.82
N ALA B 253 -12.92 3.30 -9.01
CA ALA B 253 -13.61 4.28 -9.87
C ALA B 253 -13.50 5.70 -9.33
N ARG B 254 -13.47 5.86 -8.01
CA ARG B 254 -13.43 7.22 -7.46
C ARG B 254 -12.04 7.89 -7.61
N THR B 255 -11.05 7.13 -8.06
CA THR B 255 -9.73 7.65 -8.39
C THR B 255 -9.64 8.01 -9.87
N GLY B 256 -10.68 7.71 -10.63
CA GLY B 256 -10.72 8.04 -12.06
C GLY B 256 -10.64 9.54 -12.32
N LEU B 257 -10.09 9.89 -13.47
CA LEU B 257 -10.17 11.25 -13.98
C LEU B 257 -11.51 11.43 -14.68
N PRO B 258 -12.08 12.63 -14.60
CA PRO B 258 -13.42 12.86 -15.14
C PRO B 258 -13.60 12.36 -16.57
N GLY B 259 -14.63 11.53 -16.77
CA GLY B 259 -15.03 11.08 -18.09
C GLY B 259 -14.25 9.93 -18.73
N GLU B 260 -13.18 9.47 -18.09
CA GLU B 260 -12.25 8.55 -18.78
C GLU B 260 -12.80 7.15 -18.98
N PHE B 261 -13.86 6.80 -18.24
CA PHE B 261 -14.51 5.49 -18.39
C PHE B 261 -15.83 5.57 -19.15
N ALA B 262 -16.15 6.74 -19.71
CA ALA B 262 -17.45 6.95 -20.36
C ALA B 262 -17.69 5.98 -21.51
N GLY B 263 -16.63 5.64 -22.23
CA GLY B 263 -16.71 4.78 -23.41
C GLY B 263 -17.15 3.36 -23.14
N TYR B 264 -17.01 2.91 -21.89
CA TYR B 264 -17.35 1.54 -21.51
C TYR B 264 -18.84 1.37 -21.20
N GLY B 265 -19.52 2.49 -20.95
CA GLY B 265 -20.98 2.53 -20.95
C GLY B 265 -21.66 1.82 -19.78
N VAL B 266 -21.03 1.89 -18.60
CA VAL B 266 -21.67 1.42 -17.37
C VAL B 266 -22.55 2.54 -16.80
N PRO B 267 -23.82 2.21 -16.48
CA PRO B 267 -24.75 3.20 -15.90
C PRO B 267 -24.17 3.94 -14.71
N ASP B 268 -24.63 5.17 -14.50
CA ASP B 268 -24.05 6.04 -13.47
C ASP B 268 -24.31 5.53 -12.05
N ALA B 269 -25.49 4.96 -11.84
CA ALA B 269 -25.81 4.30 -10.57
C ALA B 269 -26.23 2.85 -10.78
N ILE B 270 -25.94 2.00 -9.79
CA ILE B 270 -26.23 0.57 -9.88
C ILE B 270 -27.40 0.22 -8.98
N GLY B 271 -28.46 -0.32 -9.58
CA GLY B 271 -29.64 -0.71 -8.84
C GLY B 271 -29.37 -1.91 -7.94
N ALA B 272 -30.04 -1.95 -6.80
CA ALA B 272 -29.93 -3.05 -5.85
C ALA B 272 -30.23 -4.40 -6.51
N ASP B 273 -31.26 -4.44 -7.34
CA ASP B 273 -31.65 -5.68 -8.02
CA ASP B 273 -31.66 -5.68 -8.00
C ASP B 273 -30.59 -6.14 -9.01
N THR B 274 -29.98 -5.19 -9.70
CA THR B 274 -28.89 -5.48 -10.64
C THR B 274 -27.69 -6.07 -9.89
N HIS B 275 -27.34 -5.46 -8.77
CA HIS B 275 -26.22 -5.95 -7.96
C HIS B 275 -26.52 -7.33 -7.36
N ALA B 276 -27.75 -7.55 -6.91
CA ALA B 276 -28.15 -8.87 -6.42
C ALA B 276 -28.02 -9.93 -7.51
N ARG B 277 -28.45 -9.58 -8.71
CA ARG B 277 -28.38 -10.47 -9.87
C ARG B 277 -26.91 -10.78 -10.17
N ALA B 278 -26.08 -9.74 -10.10
CA ALA B 278 -24.66 -9.87 -10.45
C ALA B 278 -23.96 -10.78 -9.46
N ARG B 279 -24.25 -10.59 -8.18
CA ARG B 279 -23.62 -11.40 -7.12
C ARG B 279 -24.01 -12.86 -7.28
N ALA B 280 -25.26 -13.10 -7.66
CA ALA B 280 -25.74 -14.46 -7.87
C ALA B 280 -25.06 -15.11 -9.06
N ARG B 281 -24.96 -14.36 -10.15
CA ARG B 281 -24.30 -14.84 -11.36
C ARG B 281 -22.83 -15.15 -11.12
N LEU B 282 -22.16 -14.30 -10.36
CA LEU B 282 -20.75 -14.53 -10.03
C LEU B 282 -20.61 -15.79 -9.18
N ALA B 283 -21.50 -15.97 -8.21
CA ALA B 283 -21.45 -17.16 -7.35
C ALA B 283 -21.69 -18.43 -8.18
N GLU B 284 -22.59 -18.34 -9.16
CA GLU B 284 -22.87 -19.46 -10.04
C GLU B 284 -21.63 -19.84 -10.85
N ALA B 285 -20.97 -18.84 -11.41
CA ALA B 285 -19.77 -19.06 -12.22
C ALA B 285 -18.65 -19.62 -11.36
N ALA B 286 -18.57 -19.16 -10.11
CA ALA B 286 -17.52 -19.61 -9.21
C ALA B 286 -17.74 -21.07 -8.83
N GLU B 287 -18.98 -21.45 -8.55
CA GLU B 287 -19.27 -22.82 -8.17
C GLU B 287 -19.07 -23.76 -9.36
N GLU B 288 -19.40 -23.31 -10.56
CA GLU B 288 -19.18 -24.10 -11.76
C GLU B 288 -17.68 -24.25 -12.07
N THR B 289 -16.94 -23.16 -11.92
CA THR B 289 -15.49 -23.19 -12.11
C THR B 289 -14.83 -24.22 -11.17
N ALA B 290 -15.26 -24.23 -9.91
CA ALA B 290 -14.70 -25.17 -8.94
C ALA B 290 -15.00 -26.62 -9.31
N ARG B 291 -16.19 -26.87 -9.86
CA ARG B 291 -16.53 -28.22 -10.34
C ARG B 291 -15.64 -28.63 -11.51
N ARG B 292 -15.43 -27.71 -12.45
CA ARG B 292 -14.65 -28.01 -13.66
C ARG B 292 -13.19 -28.26 -13.37
N ARG B 293 -12.67 -27.59 -12.35
CA ARG B 293 -11.26 -27.69 -12.04
C ARG B 293 -10.99 -28.78 -11.01
N ALA B 294 -9.76 -29.32 -11.05
CA ALA B 294 -9.42 -30.48 -10.23
C ALA B 294 -9.11 -30.09 -8.79
N GLY B 295 -8.36 -29.00 -8.63
CA GLY B 295 -8.06 -28.48 -7.31
C GLY B 295 -9.03 -27.36 -6.98
N GLY B 296 -10.20 -27.44 -7.59
CA GLY B 296 -11.40 -26.76 -7.11
C GLY B 296 -11.26 -25.24 -7.04
N ALA B 297 -10.70 -24.68 -8.11
CA ALA B 297 -10.50 -23.22 -8.32
C ALA B 297 -9.11 -22.73 -7.86
N ALA B 298 -8.52 -21.80 -8.62
CA ALA B 298 -7.10 -21.41 -8.43
C ALA B 298 -6.78 -20.85 -7.06
N THR B 299 -5.64 -21.28 -6.50
CA THR B 299 -5.21 -20.84 -5.18
C THR B 299 -4.10 -19.79 -5.21
N LEU B 300 -3.47 -19.61 -6.38
CA LEU B 300 -2.45 -18.58 -6.54
C LEU B 300 -2.94 -17.50 -7.49
N ASN B 301 -2.57 -16.26 -7.16
CA ASN B 301 -3.15 -15.08 -7.77
C ASN B 301 -2.06 -14.04 -7.88
N ALA B 302 -2.29 -13.00 -8.68
CA ALA B 302 -1.33 -11.91 -8.72
C ALA B 302 -1.90 -10.69 -9.41
N THR B 303 -1.35 -9.53 -9.11
CA THR B 303 -1.44 -8.39 -10.01
C THR B 303 -0.03 -7.96 -10.38
N LEU B 304 0.25 -7.92 -11.67
CA LEU B 304 1.56 -7.56 -12.18
C LEU B 304 1.44 -6.22 -12.87
N ALA B 305 2.42 -5.33 -12.67
CA ALA B 305 2.31 -4.01 -13.27
C ALA B 305 3.65 -3.43 -13.63
N VAL B 306 3.62 -2.53 -14.61
CA VAL B 306 4.74 -1.66 -14.92
C VAL B 306 4.24 -0.23 -14.84
N VAL B 307 4.96 0.58 -14.09
CA VAL B 307 4.72 2.02 -14.04
CA VAL B 307 4.72 2.02 -14.04
C VAL B 307 5.90 2.72 -14.70
N ALA B 308 5.60 3.71 -15.53
CA ALA B 308 6.65 4.39 -16.27
C ALA B 308 6.47 5.89 -16.28
N THR B 309 7.58 6.60 -16.43
CA THR B 309 7.55 8.05 -16.59
C THR B 309 8.72 8.49 -17.45
N ASP B 310 8.57 9.64 -18.10
CA ASP B 310 9.69 10.27 -18.79
C ASP B 310 10.45 11.25 -17.91
N ALA B 311 9.94 11.52 -16.71
CA ALA B 311 10.70 12.26 -15.70
C ALA B 311 11.94 11.46 -15.34
N THR B 312 13.07 12.14 -15.26
CA THR B 312 14.34 11.49 -14.93
C THR B 312 14.37 11.09 -13.46
N LEU B 313 14.50 9.79 -13.22
CA LEU B 313 14.62 9.23 -11.88
C LEU B 313 15.92 8.47 -11.76
N THR B 314 16.53 8.53 -10.59
CA THR B 314 17.59 7.58 -10.25
C THR B 314 16.96 6.23 -9.99
N ARG B 315 17.76 5.18 -9.92
CA ARG B 315 17.22 3.87 -9.65
CA ARG B 315 17.21 3.85 -9.64
C ARG B 315 16.53 3.81 -8.29
N ALA B 316 17.11 4.46 -7.28
CA ALA B 316 16.49 4.49 -5.96
C ALA B 316 15.16 5.25 -5.98
N GLN B 317 15.08 6.32 -6.74
CA GLN B 317 13.81 7.02 -6.91
C GLN B 317 12.78 6.16 -7.64
N ALA B 318 13.25 5.39 -8.62
CA ALA B 318 12.36 4.47 -9.33
C ALA B 318 11.90 3.34 -8.41
N GLN B 319 12.77 2.93 -7.49
CA GLN B 319 12.43 1.88 -6.54
C GLN B 319 11.35 2.39 -5.59
N LYS B 320 11.47 3.65 -5.21
CA LYS B 320 10.44 4.27 -4.37
C LYS B 320 9.10 4.36 -5.12
N LEU B 321 9.17 4.72 -6.40
CA LEU B 321 7.99 4.74 -7.26
C LEU B 321 7.31 3.38 -7.38
N ALA B 322 8.10 2.33 -7.53
CA ALA B 322 7.53 1.00 -7.61
C ALA B 322 6.80 0.68 -6.32
N GLY B 323 7.34 1.12 -5.19
CA GLY B 323 6.73 0.91 -3.88
C GLY B 323 5.44 1.67 -3.70
N THR B 324 5.45 2.96 -4.02
CA THR B 324 4.25 3.79 -3.85
CA THR B 324 4.27 3.77 -3.83
C THR B 324 3.14 3.36 -4.79
N ALA B 325 3.50 2.84 -5.96
CA ALA B 325 2.52 2.33 -6.90
C ALA B 325 1.64 1.23 -6.32
N HIS B 326 2.18 0.40 -5.44
CA HIS B 326 1.39 -0.64 -4.77
C HIS B 326 0.21 -0.06 -4.02
N ASP B 327 0.33 1.19 -3.57
CA ASP B 327 -0.79 1.83 -2.87
C ASP B 327 -1.96 1.97 -3.82
N GLY B 328 -1.67 2.22 -5.08
CA GLY B 328 -2.73 2.34 -6.08
C GLY B 328 -3.47 1.03 -6.30
N LEU B 329 -2.73 -0.07 -6.22
CA LEU B 329 -3.34 -1.39 -6.26
C LEU B 329 -4.29 -1.59 -5.07
N ALA B 330 -3.86 -1.21 -3.88
CA ALA B 330 -4.71 -1.30 -2.69
C ALA B 330 -6.02 -0.53 -2.83
N ARG B 331 -5.98 0.61 -3.50
CA ARG B 331 -7.19 1.40 -3.66
C ARG B 331 -8.12 0.82 -4.71
N ALA B 332 -7.64 -0.08 -5.57
CA ALA B 332 -8.48 -0.68 -6.60
C ALA B 332 -8.99 -2.08 -6.28
N VAL B 333 -8.31 -2.79 -5.38
CA VAL B 333 -8.59 -4.19 -5.12
C VAL B 333 -8.48 -4.42 -3.62
N ARG B 334 -9.40 -5.20 -3.07
CA ARG B 334 -9.39 -5.51 -1.64
C ARG B 334 -9.87 -6.93 -1.41
N PRO B 335 -9.12 -7.73 -0.67
CA PRO B 335 -7.76 -7.46 -0.17
C PRO B 335 -6.70 -7.60 -1.25
N VAL B 336 -5.47 -7.16 -0.96
CA VAL B 336 -4.32 -7.39 -1.83
C VAL B 336 -3.13 -7.80 -0.99
N HIS B 337 -2.06 -8.20 -1.67
CA HIS B 337 -0.76 -8.51 -1.04
C HIS B 337 -0.84 -9.68 -0.07
N LEU B 338 -1.78 -10.58 -0.28
CA LEU B 338 -1.93 -11.75 0.58
C LEU B 338 -0.80 -12.74 0.30
N LEU B 339 -0.71 -13.80 1.11
CA LEU B 339 0.26 -14.87 0.83
C LEU B 339 0.03 -15.53 -0.53
N SER B 340 -1.23 -15.58 -0.94
CA SER B 340 -1.62 -16.21 -2.18
C SER B 340 -1.36 -15.32 -3.41
N ASP B 341 -0.90 -14.09 -3.16
CA ASP B 341 -0.79 -13.07 -4.22
C ASP B 341 0.68 -12.89 -4.61
N GLY B 342 0.96 -12.85 -5.91
CA GLY B 342 2.33 -12.64 -6.41
C GLY B 342 2.58 -11.24 -6.95
N ASP B 343 1.96 -10.25 -6.32
CA ASP B 343 1.97 -8.87 -6.81
C ASP B 343 3.36 -8.27 -6.96
N THR B 344 3.63 -7.73 -8.14
CA THR B 344 4.93 -7.18 -8.46
C THR B 344 4.73 -5.94 -9.30
N VAL B 345 5.42 -4.87 -8.95
CA VAL B 345 5.46 -3.65 -9.76
C VAL B 345 6.88 -3.33 -10.18
N PHE B 346 7.09 -3.18 -11.49
CA PHE B 346 8.34 -2.66 -12.05
C PHE B 346 8.12 -1.18 -12.36
N ALA B 347 9.14 -0.36 -12.11
CA ALA B 347 9.07 1.05 -12.45
C ALA B 347 10.17 1.39 -13.44
N LEU B 348 9.85 2.21 -14.44
CA LEU B 348 10.81 2.61 -15.47
C LEU B 348 10.81 4.12 -15.63
N SER B 349 11.99 4.68 -15.85
CA SER B 349 12.14 6.08 -16.24
C SER B 349 12.94 6.12 -17.54
N THR B 350 12.41 6.82 -18.54
CA THR B 350 13.14 6.98 -19.80
C THR B 350 14.16 8.11 -19.76
N GLY B 351 14.08 8.93 -18.72
CA GLY B 351 15.12 9.93 -18.46
C GLY B 351 15.17 11.06 -19.47
N ARG B 352 14.05 11.34 -20.12
CA ARG B 352 14.01 12.34 -21.20
C ARG B 352 13.68 13.75 -20.71
N ARG B 353 13.09 13.86 -19.52
CA ARG B 353 12.76 15.16 -18.93
C ARG B 353 13.41 15.32 -17.57
N PRO B 354 14.06 16.47 -17.33
CA PRO B 354 14.55 16.69 -15.98
C PRO B 354 13.40 16.77 -14.99
N LEU B 355 13.64 16.30 -13.78
CA LEU B 355 12.60 16.27 -12.78
C LEU B 355 12.04 17.67 -12.56
N LEU B 356 12.91 18.67 -12.58
CA LEU B 356 12.49 20.08 -12.44
C LEU B 356 12.59 20.82 -13.77
N VAL B 370 16.87 19.37 -1.15
CA VAL B 370 16.01 20.48 -1.57
C VAL B 370 14.54 20.08 -1.56
N HIS B 371 13.69 21.01 -1.16
CA HIS B 371 12.25 20.77 -1.11
C HIS B 371 11.64 20.79 -2.50
N LEU B 372 12.26 21.50 -3.43
CA LEU B 372 11.74 21.52 -4.79
C LEU B 372 11.84 20.16 -5.46
N GLU B 373 13.01 19.52 -5.36
CA GLU B 373 13.17 18.18 -5.91
C GLU B 373 12.22 17.21 -5.22
N ALA B 374 12.13 17.31 -3.90
CA ALA B 374 11.24 16.44 -3.12
C ALA B 374 9.79 16.62 -3.56
N GLY B 375 9.37 17.86 -3.76
CA GLY B 375 8.00 18.13 -4.20
C GLY B 375 7.74 17.55 -5.58
N ALA B 376 8.73 17.67 -6.46
CA ALA B 376 8.61 17.16 -7.83
C ALA B 376 8.50 15.64 -7.81
N LEU B 377 9.34 14.99 -7.02
CA LEU B 377 9.25 13.55 -6.90
CA LEU B 377 9.28 13.54 -6.85
C LEU B 377 7.94 13.11 -6.26
N ASN B 378 7.49 13.84 -5.24
CA ASN B 378 6.21 13.52 -4.62
C ASN B 378 5.07 13.52 -5.62
N GLU B 379 5.10 14.42 -6.60
CA GLU B 379 4.04 14.45 -7.61
C GLU B 379 4.06 13.17 -8.45
N VAL B 380 5.27 12.74 -8.81
CA VAL B 380 5.44 11.52 -9.59
C VAL B 380 4.97 10.31 -8.77
N LEU B 381 5.34 10.28 -7.48
CA LEU B 381 4.99 9.15 -6.62
C LEU B 381 3.49 9.03 -6.43
N ALA B 382 2.83 10.17 -6.21
CA ALA B 382 1.39 10.21 -6.05
C ALA B 382 0.69 9.76 -7.33
N ALA B 383 1.19 10.25 -8.46
CA ALA B 383 0.60 9.89 -9.75
C ALA B 383 0.81 8.42 -10.04
N GLY B 384 1.93 7.86 -9.60
CA GLY B 384 2.22 6.46 -9.83
C GLY B 384 1.18 5.55 -9.21
N ALA B 385 0.77 5.87 -7.99
CA ALA B 385 -0.32 5.14 -7.36
C ALA B 385 -1.61 5.31 -8.16
N ASP B 386 -1.91 6.55 -8.53
CA ASP B 386 -3.19 6.84 -9.16
C ASP B 386 -3.31 6.17 -10.51
N VAL B 387 -2.23 6.14 -11.29
CA VAL B 387 -2.33 5.53 -12.62
C VAL B 387 -2.48 4.01 -12.53
N LEU B 388 -1.92 3.41 -11.48
CA LEU B 388 -2.13 1.99 -11.28
C LEU B 388 -3.57 1.70 -10.86
N THR B 389 -4.13 2.50 -9.96
CA THR B 389 -5.53 2.32 -9.60
C THR B 389 -6.38 2.37 -10.86
N ARG B 390 -6.13 3.40 -11.66
CA ARG B 390 -6.93 3.62 -12.85
C ARG B 390 -6.73 2.49 -13.87
N ALA B 391 -5.49 2.02 -14.01
CA ALA B 391 -5.20 0.92 -14.94
C ALA B 391 -5.97 -0.34 -14.54
N VAL B 392 -6.09 -0.59 -13.24
CA VAL B 392 -6.85 -1.75 -12.78
C VAL B 392 -8.33 -1.62 -13.18
N VAL B 393 -8.90 -0.43 -13.03
CA VAL B 393 -10.30 -0.25 -13.39
C VAL B 393 -10.47 -0.49 -14.89
N HIS B 394 -9.56 0.07 -15.68
CA HIS B 394 -9.60 -0.17 -17.14
C HIS B 394 -9.51 -1.65 -17.49
N ALA B 395 -8.67 -2.40 -16.77
CA ALA B 395 -8.56 -3.84 -17.02
C ALA B 395 -9.90 -4.53 -16.79
N VAL B 396 -10.55 -4.20 -15.68
CA VAL B 396 -11.82 -4.81 -15.34
C VAL B 396 -12.90 -4.44 -16.36
N LEU B 397 -12.93 -3.18 -16.79
CA LEU B 397 -13.93 -2.74 -17.77
C LEU B 397 -13.65 -3.22 -19.20
N ALA B 398 -12.38 -3.41 -19.56
CA ALA B 398 -12.01 -3.82 -20.92
C ALA B 398 -12.25 -5.32 -21.15
N ALA B 399 -12.31 -6.09 -20.07
CA ALA B 399 -12.45 -7.53 -20.15
C ALA B 399 -13.78 -7.95 -20.75
N THR B 400 -13.74 -9.06 -21.47
CA THR B 400 -14.95 -9.80 -21.82
C THR B 400 -14.87 -11.20 -21.23
N GLY B 401 -16.03 -11.80 -20.98
CA GLY B 401 -16.09 -13.03 -20.22
C GLY B 401 -15.56 -14.22 -20.99
N VAL B 402 -15.18 -15.26 -20.27
CA VAL B 402 -14.81 -16.52 -20.87
C VAL B 402 -15.57 -17.68 -20.24
N ASP B 403 -15.65 -18.76 -21.01
CA ASP B 403 -16.30 -19.98 -20.59
C ASP B 403 -15.57 -21.12 -21.27
N THR B 404 -14.68 -21.76 -20.53
CA THR B 404 -13.87 -22.85 -21.06
C THR B 404 -13.93 -24.03 -20.10
N PRO B 405 -13.36 -25.17 -20.49
CA PRO B 405 -13.36 -26.30 -19.56
C PRO B 405 -12.56 -26.05 -18.29
N GLY B 406 -11.76 -24.99 -18.26
CA GLY B 406 -10.96 -24.66 -17.10
C GLY B 406 -11.47 -23.50 -16.27
N GLY B 407 -12.62 -22.95 -16.64
CA GLY B 407 -13.16 -21.84 -15.86
C GLY B 407 -14.25 -21.07 -16.56
N VAL B 408 -15.21 -20.61 -15.76
CA VAL B 408 -16.24 -19.68 -16.21
C VAL B 408 -16.07 -18.37 -15.47
N HIS B 409 -15.78 -17.31 -16.22
CA HIS B 409 -15.45 -16.01 -15.63
C HIS B 409 -16.11 -14.90 -16.41
N PRO B 410 -17.30 -14.46 -15.96
CA PRO B 410 -17.96 -13.35 -16.63
C PRO B 410 -17.21 -12.06 -16.39
N SER B 411 -17.40 -11.08 -17.27
CA SER B 411 -16.81 -9.76 -17.08
C SER B 411 -17.73 -8.88 -16.24
N TYR B 412 -17.15 -7.83 -15.69
CA TYR B 412 -17.90 -6.86 -14.92
C TYR B 412 -19.05 -6.30 -15.74
N ARG B 413 -18.77 -5.90 -16.96
CA ARG B 413 -19.81 -5.28 -17.77
C ARG B 413 -20.92 -6.26 -18.14
N GLU B 414 -20.59 -7.54 -18.30
CA GLU B 414 -21.62 -8.54 -18.55
C GLU B 414 -22.60 -8.63 -17.40
N LEU B 415 -22.12 -8.35 -16.19
CA LEU B 415 -22.96 -8.35 -15.00
C LEU B 415 -23.64 -7.00 -14.73
N TYR B 416 -22.98 -5.89 -15.04
CA TYR B 416 -23.44 -4.59 -14.59
C TYR B 416 -23.79 -3.57 -15.69
N ALA B 417 -23.43 -3.86 -16.93
CA ALA B 417 -23.75 -2.96 -18.04
C ALA B 417 -24.74 -3.58 -19.04
#